data_1O7P
#
_entry.id   1O7P
#
_cell.length_a   139.673
_cell.length_b   139.673
_cell.length_c   208.439
_cell.angle_alpha   90.00
_cell.angle_beta   90.00
_cell.angle_gamma   120.00
#
_symmetry.space_group_name_H-M   'H 3 2'
#
loop_
_entity.id
_entity.type
_entity.pdbx_description
1 polymer 'NAPHTHALENE 1,2-DIOXYGENASE ALPHA SUBUNIT'
2 polymer 'NAPHTHALENE 1,2-DIOXYGENASE BETA SUBUNIT'
3 non-polymer 1,2-ETHANEDIOL
4 non-polymer '(1R, 2S)-CIS 1,2 DIHYDROXY-1,2-DIHYDRONAPHTHALENE'
5 non-polymer 'SULFATE ION'
6 non-polymer 'FE2/S2 (INORGANIC) CLUSTER'
7 non-polymer 'FE (III) ION'
8 water water
#
loop_
_entity_poly.entity_id
_entity_poly.type
_entity_poly.pdbx_seq_one_letter_code
_entity_poly.pdbx_strand_id
1 'polypeptide(L)'
;MNYNNKILVSESGLSQKHLIHGDEELFQHELKTIFARNWLFLTHDSLIPAPGDYVTAKMGIDEVIVSRQNDGSIRAFLNV
CRHRGKTLVSVEAGNAKGFVCSYHGWGFGSNGELQSVPFEKDLYGESLNKKCLGLKEVARVESFHGFIYGCFDQEAPPLM
DYLGDAAWYLEPMFKHSGGLELVGPPGKVVIKANWKAPAENFVGDAYHVGWTHASSLRSGESIFSSLAGNAALPPEGAGL
QMTSKYGSGMGVLWDGYSGVHSADLVPELMAFGGAKQERLNKEIGDVRARIYRSHLNCTVFPNNSMLTCSGVFKVWNPID
ANTTEVWTYAIVEKDMPEDLKRRLADSVQRTFGPAGFWESDDNDNMETASQNGKKYQSRDSDLLSNLGFGEDVYGDAVYP
GVVGKSAIGETSYRGFYRAYQAHVSSSNWAEFEHASSTWHTELTKTTDR
;
A
2 'polypeptide(L)'
;MMINIQEDKLVSAHDAEEILRFFNCHDSALQQEATTLLTQEAHLLDIQAYRAWLEHCVGSEVQYQVISRELRAASERRYK
LNEAMNVYNENFQQLKVRVEHQLDPQNWGNSPKLRFTRFITNVQAAMDVNDKELLHIRSNVILHRARRGNQVDVFYAARE
DKWKRGEGGVRKLVQRFVDYPERILQTHNLMVFL
;
B
#
loop_
_chem_comp.id
_chem_comp.type
_chem_comp.name
_chem_comp.formula
EDO non-polymer 1,2-ETHANEDIOL 'C2 H6 O2'
FE non-polymer 'FE (III) ION' 'Fe 3'
FES non-polymer 'FE2/S2 (INORGANIC) CLUSTER' 'Fe2 S2'
NDH non-polymer '(1R, 2S)-CIS 1,2 DIHYDROXY-1,2-DIHYDRONAPHTHALENE' 'C10 H10 O2'
SO4 non-polymer 'SULFATE ION' 'O4 S -2'
#
# COMPACT_ATOMS: atom_id res chain seq x y z
N MET A 1 11.97 -26.99 -14.63
CA MET A 1 10.64 -27.57 -14.26
C MET A 1 9.68 -27.45 -15.46
N ASN A 2 8.97 -28.52 -15.84
CA ASN A 2 7.95 -28.48 -16.92
C ASN A 2 6.57 -27.93 -16.46
N TYR A 3 6.28 -26.64 -16.69
CA TYR A 3 5.05 -26.07 -16.11
C TYR A 3 3.79 -26.57 -16.84
N ASN A 4 3.94 -27.29 -17.97
CA ASN A 4 2.78 -27.92 -18.61
C ASN A 4 2.27 -29.09 -17.77
N ASN A 5 3.20 -29.83 -17.18
CA ASN A 5 2.85 -31.04 -16.43
C ASN A 5 2.94 -30.93 -14.91
N LYS A 6 3.81 -30.05 -14.39
CA LYS A 6 3.99 -30.01 -12.95
C LYS A 6 2.72 -29.59 -12.24
N ILE A 7 2.29 -30.40 -11.32
CA ILE A 7 1.14 -30.02 -10.51
C ILE A 7 1.63 -29.14 -9.38
N LEU A 8 1.54 -27.84 -9.57
CA LEU A 8 1.90 -26.87 -8.54
C LEU A 8 0.70 -26.64 -7.61
N VAL A 9 -0.49 -26.79 -8.16
CA VAL A 9 -1.73 -26.61 -7.41
C VAL A 9 -2.60 -27.79 -7.70
N SER A 10 -3.02 -28.46 -6.63
CA SER A 10 -3.78 -29.71 -6.74
C SER A 10 -5.23 -29.41 -7.20
N GLU A 11 -5.97 -30.45 -7.60
CA GLU A 11 -7.35 -30.33 -8.08
C GLU A 11 -8.19 -29.63 -7.05
N SER A 12 -9.04 -28.75 -7.54
CA SER A 12 -9.97 -27.93 -6.72
C SER A 12 -9.23 -26.87 -5.91
N GLY A 13 -7.93 -26.71 -6.15
CA GLY A 13 -7.06 -25.73 -5.46
C GLY A 13 -6.97 -26.01 -3.96
N LEU A 14 -7.00 -27.29 -3.65
CA LEU A 14 -7.03 -27.73 -2.25
C LEU A 14 -5.67 -27.55 -1.53
N SER A 15 -4.61 -27.51 -2.31
CA SER A 15 -3.26 -27.37 -1.77
C SER A 15 -2.32 -26.82 -2.87
N GLN A 16 -1.22 -26.21 -2.43
CA GLN A 16 -0.20 -25.71 -3.33
C GLN A 16 1.17 -26.12 -2.83
N LYS A 17 2.10 -26.39 -3.74
CA LYS A 17 3.46 -26.71 -3.34
C LYS A 17 4.11 -25.46 -2.76
N HIS A 18 4.75 -25.65 -1.64
CA HIS A 18 5.34 -24.54 -0.89
C HIS A 18 6.39 -23.78 -1.72
N LEU A 19 7.04 -24.52 -2.64
CA LEU A 19 8.07 -23.91 -3.53
C LEU A 19 7.52 -22.74 -4.34
N ILE A 20 6.20 -22.64 -4.52
CA ILE A 20 5.70 -21.55 -5.33
C ILE A 20 6.05 -20.16 -4.73
N HIS A 21 6.31 -20.10 -3.43
CA HIS A 21 6.65 -18.86 -2.75
C HIS A 21 8.14 -18.57 -2.74
N GLY A 22 8.96 -19.53 -3.19
CA GLY A 22 10.42 -19.35 -3.15
C GLY A 22 11.21 -19.63 -4.42
N ASP A 23 10.60 -20.28 -5.41
CA ASP A 23 11.35 -20.73 -6.60
C ASP A 23 11.60 -19.61 -7.62
N GLU A 24 12.87 -19.25 -7.85
CA GLU A 24 13.14 -18.13 -8.76
C GLU A 24 12.85 -18.43 -10.23
N GLU A 25 13.06 -19.67 -10.65
CA GLU A 25 12.72 -20.04 -12.02
C GLU A 25 11.20 -19.87 -12.24
N LEU A 26 10.38 -20.24 -11.23
CA LEU A 26 8.94 -20.03 -11.32
C LEU A 26 8.62 -18.54 -11.37
N PHE A 27 9.29 -17.73 -10.56
CA PHE A 27 9.10 -16.30 -10.59
C PHE A 27 9.29 -15.75 -12.00
N GLN A 28 10.39 -16.14 -12.67
CA GLN A 28 10.67 -15.74 -14.03
C GLN A 28 9.55 -16.17 -14.95
N HIS A 29 9.03 -17.37 -14.73
CA HIS A 29 7.94 -17.91 -15.55
C HIS A 29 6.63 -17.17 -15.28
N GLU A 30 6.44 -16.67 -14.05
CA GLU A 30 5.27 -15.85 -13.73
C GLU A 30 5.30 -14.50 -14.44
N LEU A 31 6.49 -13.98 -14.66
CA LEU A 31 6.58 -12.69 -15.37
C LEU A 31 5.87 -12.81 -16.71
N LYS A 32 6.07 -13.94 -17.36
CA LYS A 32 5.47 -14.22 -18.64
C LYS A 32 4.00 -14.59 -18.58
N THR A 33 3.68 -15.56 -17.75
CA THR A 33 2.34 -16.16 -17.73
C THR A 33 1.34 -15.52 -16.77
N ILE A 34 1.83 -14.78 -15.77
CA ILE A 34 0.94 -14.03 -14.88
C ILE A 34 1.00 -12.57 -15.23
N PHE A 35 2.16 -11.93 -15.04
CA PHE A 35 2.23 -10.47 -15.20
C PHE A 35 2.19 -9.88 -16.60
N ALA A 36 2.67 -10.56 -17.60
CA ALA A 36 2.60 -10.07 -18.96
C ALA A 36 1.25 -10.43 -19.59
N ARG A 37 0.43 -11.26 -18.94
CA ARG A 37 -0.83 -11.70 -19.54
C ARG A 37 -2.09 -11.09 -18.92
N ASN A 38 -2.02 -10.70 -17.66
CA ASN A 38 -3.20 -10.27 -16.94
C ASN A 38 -3.34 -8.75 -16.67
N TRP A 39 -4.46 -8.34 -16.05
CA TRP A 39 -4.70 -6.93 -15.79
C TRP A 39 -4.04 -6.46 -14.47
N LEU A 40 -3.36 -5.35 -14.54
CA LEU A 40 -2.56 -4.86 -13.40
C LEU A 40 -2.94 -3.44 -13.09
N PHE A 41 -3.05 -3.11 -11.81
CA PHE A 41 -3.43 -1.76 -11.46
C PHE A 41 -2.36 -0.69 -11.79
N LEU A 42 -2.77 0.41 -12.40
CA LEU A 42 -1.86 1.51 -12.72
C LEU A 42 -2.07 2.75 -11.86
N THR A 43 -3.30 3.24 -11.88
CA THR A 43 -3.55 4.49 -11.17
C THR A 43 -5.06 4.75 -11.17
N HIS A 44 -5.42 5.95 -10.72
CA HIS A 44 -6.78 6.41 -10.68
C HIS A 44 -6.89 7.76 -11.38
N ASP A 45 -8.05 7.99 -12.02
CA ASP A 45 -8.35 9.28 -12.66
C ASP A 45 -8.02 10.44 -11.75
N SER A 46 -8.30 10.29 -10.45
CA SER A 46 -8.07 11.36 -9.45
C SER A 46 -6.60 11.75 -9.30
N LEU A 47 -5.71 10.90 -9.80
CA LEU A 47 -4.29 11.16 -9.70
C LEU A 47 -3.73 11.76 -11.00
N ILE A 48 -4.43 11.56 -12.11
CA ILE A 48 -4.00 12.16 -13.36
C ILE A 48 -5.22 12.78 -14.07
N PRO A 49 -5.86 13.73 -13.43
CA PRO A 49 -7.13 14.28 -13.99
C PRO A 49 -6.97 15.22 -15.16
N ALA A 50 -5.86 15.91 -15.29
CA ALA A 50 -5.76 16.92 -16.32
C ALA A 50 -4.80 16.51 -17.42
N PRO A 51 -5.05 16.99 -18.63
CA PRO A 51 -4.19 16.68 -19.76
C PRO A 51 -2.75 16.97 -19.39
N GLY A 52 -1.88 16.01 -19.72
CA GLY A 52 -0.46 16.12 -19.45
C GLY A 52 -0.05 15.52 -18.11
N ASP A 53 -1.02 15.26 -17.24
CA ASP A 53 -0.71 14.65 -15.95
C ASP A 53 -0.19 13.23 -16.18
N TYR A 54 0.83 12.84 -15.41
CA TYR A 54 1.32 11.50 -15.54
C TYR A 54 1.77 10.97 -14.19
N VAL A 55 1.84 9.65 -14.09
CA VAL A 55 2.51 8.97 -12.98
C VAL A 55 3.35 7.84 -13.54
N THR A 56 4.29 7.33 -12.76
CA THR A 56 4.97 6.08 -13.13
C THR A 56 4.34 5.01 -12.29
N ALA A 57 4.30 3.79 -12.83
CA ALA A 57 3.79 2.64 -12.14
C ALA A 57 4.60 1.44 -12.56
N LYS A 58 4.57 0.41 -11.72
CA LYS A 58 5.14 -0.86 -12.12
C LYS A 58 4.02 -1.73 -12.74
N MET A 59 4.42 -2.56 -13.70
CA MET A 59 3.61 -3.64 -14.23
C MET A 59 4.52 -4.85 -14.16
N GLY A 60 4.32 -5.67 -13.14
CA GLY A 60 5.26 -6.74 -12.87
C GLY A 60 6.59 -6.08 -12.51
N ILE A 61 7.71 -6.48 -13.19
CA ILE A 61 8.98 -5.80 -12.88
C ILE A 61 9.26 -4.61 -13.83
N ASP A 62 8.41 -4.42 -14.82
CA ASP A 62 8.58 -3.35 -15.77
C ASP A 62 8.07 -2.04 -15.20
N GLU A 63 8.64 -0.93 -15.62
CA GLU A 63 8.13 0.36 -15.20
C GLU A 63 7.46 1.03 -16.40
N VAL A 64 6.31 1.64 -16.17
CA VAL A 64 5.59 2.36 -17.24
C VAL A 64 5.24 3.79 -16.84
N ILE A 65 5.07 4.63 -17.87
CA ILE A 65 4.61 6.00 -17.69
C ILE A 65 3.12 5.97 -18.08
N VAL A 66 2.25 6.53 -17.26
CA VAL A 66 0.79 6.50 -17.48
C VAL A 66 0.37 7.96 -17.60
N SER A 67 -0.12 8.35 -18.77
CA SER A 67 -0.32 9.76 -19.08
C SER A 67 -1.69 10.09 -19.64
N ARG A 68 -2.27 11.17 -19.11
CA ARG A 68 -3.54 11.70 -19.58
C ARG A 68 -3.32 12.48 -20.86
N GLN A 69 -3.94 11.99 -21.93
CA GLN A 69 -3.86 12.57 -23.27
C GLN A 69 -4.76 13.81 -23.39
N ASN A 70 -4.54 14.60 -24.43
CA ASN A 70 -5.38 15.80 -24.67
C ASN A 70 -6.86 15.49 -24.87
N ASP A 71 -7.16 14.36 -25.50
CA ASP A 71 -8.53 13.93 -25.76
C ASP A 71 -9.22 13.27 -24.56
N GLY A 72 -8.53 13.22 -23.41
CA GLY A 72 -9.11 12.66 -22.20
C GLY A 72 -8.85 11.19 -21.92
N SER A 73 -8.33 10.46 -22.91
CA SER A 73 -8.04 9.05 -22.72
C SER A 73 -6.69 8.95 -21.93
N ILE A 74 -6.35 7.73 -21.56
CA ILE A 74 -5.09 7.51 -20.88
C ILE A 74 -4.31 6.50 -21.69
N ARG A 75 -3.05 6.79 -21.96
CA ARG A 75 -2.17 5.79 -22.58
C ARG A 75 -0.98 5.50 -21.66
N ALA A 76 -0.39 4.31 -21.77
CA ALA A 76 0.76 3.96 -20.90
C ALA A 76 1.87 3.39 -21.79
N PHE A 77 3.09 3.71 -21.45
CA PHE A 77 4.27 3.31 -22.22
C PHE A 77 5.38 2.87 -21.29
N LEU A 78 6.21 1.98 -21.80
CA LEU A 78 7.40 1.54 -21.08
C LEU A 78 8.24 2.76 -20.81
N ASN A 79 8.82 2.85 -19.62
CA ASN A 79 9.59 4.00 -19.23
C ASN A 79 11.04 3.77 -19.64
N VAL A 80 11.23 3.53 -20.92
CA VAL A 80 12.52 3.12 -21.47
C VAL A 80 12.73 3.79 -22.82
N CYS A 81 13.83 4.52 -22.94
CA CYS A 81 14.16 5.21 -24.19
C CYS A 81 14.38 4.24 -25.35
N ARG A 82 13.83 4.55 -26.53
CA ARG A 82 13.97 3.73 -27.74
C ARG A 82 15.31 3.74 -28.43
N HIS A 83 16.19 4.59 -27.97
CA HIS A 83 17.54 4.71 -28.53
C HIS A 83 18.43 3.71 -27.86
N ARG A 84 19.01 4.09 -26.69
CA ARG A 84 19.90 3.16 -25.95
C ARG A 84 19.37 2.61 -24.61
N GLY A 85 18.09 2.80 -24.30
CA GLY A 85 17.48 2.04 -23.21
C GLY A 85 17.52 2.60 -21.82
N LYS A 86 17.83 3.89 -21.74
CA LYS A 86 17.88 4.59 -20.48
C LYS A 86 16.48 4.77 -19.93
N THR A 87 16.34 4.86 -18.61
CA THR A 87 15.02 5.08 -18.02
C THR A 87 14.65 6.53 -18.31
N LEU A 88 13.53 6.76 -18.95
CA LEU A 88 13.17 8.13 -19.36
C LEU A 88 12.77 9.10 -18.23
N VAL A 89 11.85 8.65 -17.41
CA VAL A 89 11.29 9.48 -16.36
C VAL A 89 11.78 9.00 -14.97
N SER A 90 12.37 9.89 -14.19
CA SER A 90 12.88 9.53 -12.87
C SER A 90 12.02 10.01 -11.68
N VAL A 91 10.88 10.64 -11.96
CA VAL A 91 10.01 11.09 -10.87
C VAL A 91 8.78 10.17 -10.83
N GLU A 92 7.90 10.38 -9.86
CA GLU A 92 6.76 9.51 -9.61
C GLU A 92 5.45 10.08 -10.20
N ALA A 93 5.42 11.41 -10.33
CA ALA A 93 4.23 12.09 -10.84
C ALA A 93 4.60 13.48 -11.31
N GLY A 94 3.82 14.01 -12.23
CA GLY A 94 4.06 15.34 -12.71
C GLY A 94 3.07 15.77 -13.80
N ASN A 95 3.33 16.92 -14.42
CA ASN A 95 2.55 17.33 -15.57
C ASN A 95 3.48 17.76 -16.68
N ALA A 96 3.31 17.21 -17.87
CA ALA A 96 4.16 17.62 -18.96
C ALA A 96 3.59 17.22 -20.29
N LYS A 97 4.06 17.90 -21.33
CA LYS A 97 3.67 17.57 -22.71
C LYS A 97 4.59 16.56 -23.37
N GLY A 98 5.71 16.25 -22.75
CA GLY A 98 6.59 15.25 -23.30
C GLY A 98 7.67 14.95 -22.29
N PHE A 99 8.52 13.98 -22.64
CA PHE A 99 9.64 13.54 -21.82
C PHE A 99 10.90 13.49 -22.68
N VAL A 100 11.96 14.13 -22.22
CA VAL A 100 13.23 14.17 -22.89
C VAL A 100 14.23 13.26 -22.18
N CYS A 101 14.94 12.44 -22.95
CA CYS A 101 15.91 11.52 -22.39
C CYS A 101 17.17 12.28 -22.05
N SER A 102 17.68 12.10 -20.83
CA SER A 102 18.86 12.80 -20.42
C SER A 102 20.19 12.25 -20.98
N TYR A 103 20.14 11.13 -21.73
CA TYR A 103 21.36 10.59 -22.28
C TYR A 103 21.77 11.37 -23.57
N HIS A 104 20.99 11.24 -24.62
CA HIS A 104 21.29 11.92 -25.90
C HIS A 104 20.20 12.92 -26.30
N GLY A 105 19.23 13.19 -25.44
CA GLY A 105 18.27 14.23 -25.72
C GLY A 105 17.03 13.99 -26.58
N TRP A 106 16.72 12.73 -26.90
CA TRP A 106 15.54 12.40 -27.68
C TRP A 106 14.29 12.81 -26.89
N GLY A 107 13.32 13.36 -27.59
CA GLY A 107 12.15 13.85 -26.91
C GLY A 107 10.92 13.21 -27.45
N PHE A 108 10.18 12.61 -26.52
CA PHE A 108 8.97 11.91 -26.82
C PHE A 108 7.77 12.70 -26.27
N GLY A 109 6.64 12.58 -26.97
CA GLY A 109 5.45 13.28 -26.49
C GLY A 109 4.74 12.46 -25.43
N SER A 110 3.77 13.10 -24.79
CA SER A 110 2.83 12.43 -23.87
C SER A 110 2.09 11.29 -24.53
N ASN A 111 2.01 11.34 -25.86
CA ASN A 111 1.40 10.27 -26.63
C ASN A 111 2.39 9.19 -27.07
N GLY A 112 3.61 9.23 -26.57
CA GLY A 112 4.57 8.19 -26.87
C GLY A 112 5.39 8.40 -28.14
N GLU A 113 5.01 9.37 -28.97
CA GLU A 113 5.67 9.50 -30.26
C GLU A 113 7.04 10.16 -30.15
N LEU A 114 7.99 9.70 -30.96
CA LEU A 114 9.29 10.34 -30.99
C LEU A 114 9.07 11.66 -31.74
N GLN A 115 9.23 12.78 -31.04
CA GLN A 115 8.92 14.09 -31.59
C GLN A 115 10.12 14.90 -31.97
N SER A 116 11.26 14.63 -31.36
CA SER A 116 12.44 15.40 -31.67
C SER A 116 13.71 14.66 -31.31
N VAL A 117 14.70 14.85 -32.16
CA VAL A 117 15.98 14.25 -32.00
C VAL A 117 16.98 15.39 -32.20
N PRO A 118 17.88 15.61 -31.25
CA PRO A 118 18.83 16.71 -31.40
C PRO A 118 19.68 16.56 -32.65
N PHE A 119 19.73 17.67 -33.38
CA PHE A 119 20.49 17.72 -34.64
C PHE A 119 20.04 16.67 -35.65
N GLU A 120 18.73 16.36 -35.66
CA GLU A 120 18.25 15.30 -36.54
C GLU A 120 18.69 15.53 -38.00
N LYS A 121 18.48 16.73 -38.51
CA LYS A 121 18.78 17.00 -39.91
C LYS A 121 20.26 16.76 -40.22
N ASP A 122 21.16 17.36 -39.42
CA ASP A 122 22.60 17.23 -39.61
C ASP A 122 23.16 15.80 -39.41
N LEU A 123 22.55 15.02 -38.50
CA LEU A 123 23.09 13.70 -38.16
C LEU A 123 22.42 12.57 -38.89
N TYR A 124 21.09 12.55 -38.79
CA TYR A 124 20.32 11.47 -39.42
C TYR A 124 19.77 11.81 -40.81
N GLY A 125 19.78 13.07 -41.17
CA GLY A 125 19.20 13.50 -42.43
C GLY A 125 17.72 13.15 -42.39
N GLU A 126 17.32 12.33 -43.35
CA GLU A 126 15.96 11.84 -43.43
C GLU A 126 15.94 10.32 -43.19
N SER A 127 17.05 9.77 -42.69
CA SER A 127 17.17 8.31 -42.49
C SER A 127 16.40 7.75 -41.28
N LEU A 128 16.06 8.62 -40.30
CA LEU A 128 15.35 8.18 -39.09
C LEU A 128 13.82 8.11 -39.28
N ASN A 129 13.28 6.90 -39.23
CA ASN A 129 11.83 6.72 -39.31
C ASN A 129 11.22 6.87 -37.89
N LYS A 130 11.00 8.11 -37.48
CA LYS A 130 10.52 8.41 -36.12
C LYS A 130 9.20 7.73 -35.81
N LYS A 131 8.41 7.53 -36.86
CA LYS A 131 7.12 6.89 -36.74
C LYS A 131 7.23 5.47 -36.19
N CYS A 132 8.40 4.87 -36.34
CA CYS A 132 8.64 3.51 -35.86
C CYS A 132 9.38 3.47 -34.53
N LEU A 133 9.71 4.64 -33.99
CA LEU A 133 10.51 4.74 -32.79
C LEU A 133 9.76 5.31 -31.61
N GLY A 134 8.46 5.14 -31.58
CA GLY A 134 7.69 5.63 -30.44
C GLY A 134 7.92 4.68 -29.23
N LEU A 135 7.64 5.15 -28.01
CA LEU A 135 7.83 4.30 -26.79
C LEU A 135 7.00 3.07 -26.93
N LYS A 136 7.46 1.95 -26.36
CA LYS A 136 6.71 0.71 -26.44
C LYS A 136 5.43 0.88 -25.61
N GLU A 137 4.27 0.67 -26.25
CA GLU A 137 2.99 1.03 -25.63
C GLU A 137 2.32 -0.19 -25.03
N VAL A 138 1.70 0.04 -23.87
CA VAL A 138 0.97 -1.02 -23.17
C VAL A 138 -0.23 -1.27 -24.03
N ALA A 139 -0.48 -2.52 -24.45
CA ALA A 139 -1.52 -2.78 -25.44
C ALA A 139 -2.94 -2.40 -24.97
N ARG A 140 -3.25 -2.66 -23.72
CA ARG A 140 -4.61 -2.46 -23.22
C ARG A 140 -4.63 -1.62 -21.95
N VAL A 141 -5.47 -0.59 -21.94
CA VAL A 141 -5.66 0.27 -20.77
C VAL A 141 -7.16 0.53 -20.64
N GLU A 142 -7.75 0.13 -19.51
CA GLU A 142 -9.17 0.24 -19.28
C GLU A 142 -9.42 0.71 -17.85
N SER A 143 -10.61 1.26 -17.66
CA SER A 143 -11.01 1.83 -16.40
C SER A 143 -12.19 1.10 -15.77
N PHE A 144 -12.15 0.94 -14.45
CA PHE A 144 -13.28 0.41 -13.70
C PHE A 144 -13.69 1.50 -12.72
N HIS A 145 -14.65 2.31 -13.13
CA HIS A 145 -15.11 3.43 -12.31
C HIS A 145 -13.98 4.34 -11.81
N GLY A 146 -13.06 4.69 -12.69
CA GLY A 146 -11.97 5.57 -12.28
C GLY A 146 -10.66 4.85 -12.01
N PHE A 147 -10.73 3.57 -11.71
CA PHE A 147 -9.53 2.78 -11.43
C PHE A 147 -8.99 2.23 -12.74
N ILE A 148 -7.75 2.60 -13.03
CA ILE A 148 -7.13 2.32 -14.35
C ILE A 148 -6.21 1.13 -14.26
N TYR A 149 -6.44 0.14 -15.14
CA TYR A 149 -5.65 -1.07 -15.18
C TYR A 149 -5.03 -1.17 -16.59
N GLY A 150 -3.87 -1.84 -16.66
CA GLY A 150 -3.18 -2.10 -17.93
C GLY A 150 -2.90 -3.57 -18.15
N CYS A 151 -2.74 -3.94 -19.41
CA CYS A 151 -2.43 -5.31 -19.73
C CYS A 151 -1.57 -5.30 -20.99
N PHE A 152 -0.44 -5.99 -20.91
CA PHE A 152 0.47 -6.06 -22.05
C PHE A 152 -0.09 -6.97 -23.16
N ASP A 153 -1.03 -7.86 -22.83
CA ASP A 153 -1.54 -8.85 -23.76
C ASP A 153 -2.81 -8.41 -24.48
N GLN A 154 -2.69 -8.15 -25.78
CA GLN A 154 -3.85 -7.75 -26.58
C GLN A 154 -5.00 -8.77 -26.56
N GLU A 155 -4.71 -10.01 -26.26
CA GLU A 155 -5.76 -11.03 -26.28
C GLU A 155 -6.53 -11.15 -24.98
N ALA A 156 -6.20 -10.38 -23.96
CA ALA A 156 -6.90 -10.50 -22.67
C ALA A 156 -8.38 -10.18 -22.78
N PRO A 157 -9.26 -10.82 -22.00
CA PRO A 157 -10.62 -10.29 -21.93
C PRO A 157 -10.74 -8.81 -21.47
N PRO A 158 -11.84 -8.12 -21.80
CA PRO A 158 -12.05 -6.76 -21.27
C PRO A 158 -12.03 -6.85 -19.73
N LEU A 159 -11.57 -5.81 -19.08
CA LEU A 159 -11.43 -5.76 -17.61
C LEU A 159 -12.72 -6.11 -16.85
N MET A 160 -13.82 -5.58 -17.35
CA MET A 160 -15.12 -5.90 -16.74
C MET A 160 -15.43 -7.39 -16.77
N ASP A 161 -15.20 -8.05 -17.91
CA ASP A 161 -15.37 -9.48 -18.00
C ASP A 161 -14.32 -10.22 -17.11
N TYR A 162 -13.12 -9.69 -17.07
CA TYR A 162 -12.02 -10.25 -16.23
C TYR A 162 -12.37 -10.24 -14.76
N LEU A 163 -13.08 -9.20 -14.33
CA LEU A 163 -13.51 -9.11 -12.92
C LEU A 163 -14.59 -10.18 -12.62
N GLY A 164 -15.25 -10.67 -13.65
CA GLY A 164 -16.24 -11.71 -13.46
C GLY A 164 -17.23 -11.41 -12.37
N ASP A 165 -17.53 -12.42 -11.58
CA ASP A 165 -18.51 -12.36 -10.49
C ASP A 165 -18.11 -11.41 -9.36
N ALA A 166 -16.81 -11.12 -9.25
CA ALA A 166 -16.38 -10.16 -8.22
C ALA A 166 -16.95 -8.76 -8.48
N ALA A 167 -17.12 -8.38 -9.75
CA ALA A 167 -17.63 -7.05 -10.09
C ALA A 167 -18.95 -6.70 -9.39
N TRP A 168 -19.83 -7.68 -9.22
CA TRP A 168 -21.15 -7.43 -8.64
C TRP A 168 -21.03 -6.92 -7.21
N TYR A 169 -20.03 -7.46 -6.51
CA TYR A 169 -19.75 -7.10 -5.11
C TYR A 169 -19.14 -5.73 -4.99
N LEU A 170 -18.23 -5.37 -5.92
CA LEU A 170 -17.56 -4.06 -5.89
C LEU A 170 -18.43 -2.87 -6.30
N GLU A 171 -19.40 -3.13 -7.19
CA GLU A 171 -20.18 -2.07 -7.78
C GLU A 171 -20.91 -1.15 -6.78
N PRO A 172 -21.50 -1.67 -5.73
CA PRO A 172 -22.14 -0.72 -4.78
C PRO A 172 -21.19 0.39 -4.29
N MET A 173 -19.99 0.02 -3.85
CA MET A 173 -19.02 1.04 -3.43
C MET A 173 -18.38 1.75 -4.61
N PHE A 174 -18.03 1.02 -5.68
CA PHE A 174 -17.29 1.63 -6.76
C PHE A 174 -18.14 2.48 -7.71
N LYS A 175 -19.39 2.07 -7.87
CA LYS A 175 -20.31 2.75 -8.80
C LYS A 175 -21.47 3.44 -8.05
N HIS A 176 -22.29 2.69 -7.34
CA HIS A 176 -23.49 3.31 -6.76
C HIS A 176 -23.33 4.33 -5.62
N SER A 177 -22.12 4.51 -5.10
CA SER A 177 -21.89 5.39 -3.97
C SER A 177 -21.64 6.79 -4.46
N GLY A 178 -21.51 6.93 -5.76
CA GLY A 178 -21.20 8.23 -6.30
C GLY A 178 -19.78 8.23 -6.86
N GLY A 179 -18.98 7.24 -6.51
CA GLY A 179 -17.62 7.24 -6.98
C GLY A 179 -16.60 7.39 -5.87
N LEU A 180 -15.43 6.78 -6.11
CA LEU A 180 -14.29 6.83 -5.21
C LEU A 180 -13.18 7.64 -5.83
N GLU A 181 -12.32 8.15 -4.93
CA GLU A 181 -11.05 8.74 -5.37
C GLU A 181 -9.94 8.04 -4.57
N LEU A 182 -8.76 7.96 -5.17
CA LEU A 182 -7.60 7.38 -4.49
C LEU A 182 -6.80 8.55 -4.00
N VAL A 183 -6.40 8.52 -2.72
CA VAL A 183 -5.62 9.59 -2.14
C VAL A 183 -4.18 9.13 -2.15
N GLY A 184 -3.35 9.84 -2.91
CA GLY A 184 -1.92 9.61 -2.97
C GLY A 184 -1.19 10.66 -2.17
N PRO A 185 0.14 10.57 -2.16
CA PRO A 185 0.88 9.51 -2.83
C PRO A 185 0.81 8.31 -1.95
N PRO A 186 1.21 7.19 -2.50
CA PRO A 186 1.19 5.95 -1.74
C PRO A 186 2.43 5.84 -0.83
N GLY A 187 2.27 5.15 0.27
CA GLY A 187 3.39 4.59 0.98
C GLY A 187 4.06 3.51 0.12
N LYS A 188 5.39 3.32 0.27
CA LYS A 188 6.11 2.34 -0.48
C LYS A 188 7.16 1.72 0.46
N VAL A 189 7.08 0.41 0.63
CA VAL A 189 7.93 -0.37 1.53
C VAL A 189 8.26 -1.70 0.91
N VAL A 190 9.50 -2.13 1.01
CA VAL A 190 9.89 -3.44 0.51
C VAL A 190 9.78 -4.43 1.65
N ILE A 191 9.14 -5.55 1.39
CA ILE A 191 9.08 -6.69 2.32
C ILE A 191 9.73 -7.91 1.73
N LYS A 192 10.18 -8.81 2.58
CA LYS A 192 10.90 -9.98 2.11
C LYS A 192 9.97 -11.16 1.98
N ALA A 193 8.96 -10.94 1.13
CA ALA A 193 7.95 -11.96 0.92
C ALA A 193 7.66 -12.03 -0.56
N ASN A 194 7.14 -13.17 -0.98
CA ASN A 194 6.61 -13.40 -2.33
C ASN A 194 5.32 -12.63 -2.46
N TRP A 195 5.07 -12.05 -3.63
CA TRP A 195 3.87 -11.27 -3.87
C TRP A 195 2.58 -12.04 -3.59
N LYS A 196 2.61 -13.35 -3.76
CA LYS A 196 1.42 -14.18 -3.53
C LYS A 196 1.02 -14.30 -2.05
N ALA A 197 1.96 -14.10 -1.13
CA ALA A 197 1.62 -14.20 0.28
C ALA A 197 0.63 -13.12 0.71
N PRO A 198 0.91 -11.84 0.50
CA PRO A 198 -0.11 -10.87 0.88
C PRO A 198 -1.34 -10.97 -0.03
N ALA A 199 -1.13 -11.35 -1.30
CA ALA A 199 -2.27 -11.45 -2.24
C ALA A 199 -3.29 -12.47 -1.74
N GLU A 200 -2.82 -13.62 -1.30
CA GLU A 200 -3.70 -14.70 -0.85
C GLU A 200 -4.33 -14.31 0.49
N ASN A 201 -3.60 -13.51 1.27
CA ASN A 201 -4.02 -13.12 2.58
C ASN A 201 -5.20 -12.18 2.48
N PHE A 202 -5.09 -11.19 1.59
CA PHE A 202 -6.18 -10.24 1.33
C PHE A 202 -7.35 -10.88 0.57
N VAL A 203 -7.10 -11.85 -0.30
CA VAL A 203 -8.23 -12.42 -1.07
C VAL A 203 -9.16 -13.26 -0.25
N GLY A 204 -8.71 -13.95 0.80
CA GLY A 204 -9.67 -14.79 1.51
C GLY A 204 -9.23 -15.23 2.91
N ASP A 205 -8.47 -14.37 3.59
CA ASP A 205 -8.01 -14.80 4.89
C ASP A 205 -8.66 -14.07 6.05
N ALA A 206 -9.89 -14.44 6.41
CA ALA A 206 -10.46 -13.87 7.65
C ALA A 206 -10.05 -14.67 8.88
N TYR A 207 -9.63 -15.92 8.67
CA TYR A 207 -9.25 -16.82 9.76
C TYR A 207 -8.12 -16.23 10.61
N HIS A 208 -7.19 -15.50 9.98
CA HIS A 208 -5.99 -14.99 10.70
C HIS A 208 -6.24 -13.75 11.54
N VAL A 209 -7.33 -13.05 11.25
CA VAL A 209 -7.56 -11.71 11.83
C VAL A 209 -7.57 -11.70 13.34
N GLY A 210 -8.33 -12.60 13.95
CA GLY A 210 -8.40 -12.69 15.40
C GLY A 210 -7.10 -13.00 16.11
N TRP A 211 -6.30 -13.88 15.50
CA TRP A 211 -5.03 -14.28 16.10
C TRP A 211 -3.87 -13.37 15.69
N THR A 212 -3.61 -13.26 14.39
CA THR A 212 -2.53 -12.39 13.93
C THR A 212 -2.68 -10.97 14.45
N HIS A 213 -3.90 -10.43 14.38
CA HIS A 213 -4.12 -9.03 14.73
C HIS A 213 -4.69 -8.84 16.14
N ALA A 214 -4.53 -9.83 17.00
CA ALA A 214 -5.06 -9.73 18.37
C ALA A 214 -4.68 -8.40 19.04
N SER A 215 -3.41 -8.02 18.94
CA SER A 215 -2.90 -6.83 19.62
C SER A 215 -3.47 -5.52 19.07
N SER A 216 -3.67 -5.46 17.76
CA SER A 216 -4.14 -4.26 17.10
C SER A 216 -5.65 -4.07 17.36
N LEU A 217 -6.38 -5.17 17.27
CA LEU A 217 -7.81 -5.18 17.54
C LEU A 217 -8.04 -4.61 18.97
N ARG A 218 -7.45 -5.28 19.96
CA ARG A 218 -7.53 -4.87 21.36
C ARG A 218 -7.06 -3.41 21.57
N SER A 219 -5.98 -3.00 20.90
CA SER A 219 -5.42 -1.65 21.09
C SER A 219 -6.21 -0.54 20.39
N GLY A 220 -6.68 -0.80 19.19
CA GLY A 220 -7.38 0.24 18.41
C GLY A 220 -8.85 0.44 18.75
N GLU A 221 -9.49 -0.56 19.35
CA GLU A 221 -10.90 -0.49 19.72
C GLU A 221 -11.82 -0.32 18.47
N SER A 222 -11.36 -0.84 17.32
CA SER A 222 -12.13 -0.85 16.06
C SER A 222 -13.38 -1.70 16.18
N ILE A 223 -14.30 -1.66 15.20
CA ILE A 223 -15.54 -2.47 15.27
C ILE A 223 -15.32 -3.98 15.32
N PHE A 224 -14.20 -4.47 14.83
CA PHE A 224 -13.96 -5.90 14.88
C PHE A 224 -13.23 -6.34 16.13
N SER A 225 -13.08 -5.45 17.11
CA SER A 225 -12.26 -5.71 18.29
C SER A 225 -12.65 -6.93 19.13
N SER A 226 -13.86 -7.46 18.95
CA SER A 226 -14.24 -8.58 19.79
C SER A 226 -13.52 -9.88 19.41
N LEU A 227 -12.92 -9.89 18.23
CA LEU A 227 -12.23 -11.07 17.74
C LEU A 227 -10.86 -11.21 18.39
N ALA A 228 -10.34 -10.14 18.99
CA ALA A 228 -9.01 -10.18 19.57
C ALA A 228 -8.70 -11.50 20.29
N GLY A 229 -7.59 -12.13 19.89
CA GLY A 229 -7.12 -13.35 20.51
C GLY A 229 -8.09 -14.49 20.35
N ASN A 230 -8.84 -14.50 19.24
CA ASN A 230 -9.84 -15.52 19.03
C ASN A 230 -10.69 -15.66 20.29
N ALA A 231 -10.99 -14.53 20.91
CA ALA A 231 -11.79 -14.57 22.12
C ALA A 231 -13.23 -14.92 21.76
N ALA A 232 -13.69 -14.36 20.65
CA ALA A 232 -15.09 -14.47 20.29
C ALA A 232 -15.40 -15.04 18.89
N LEU A 233 -16.28 -16.04 18.90
CA LEU A 233 -16.85 -16.57 17.69
C LEU A 233 -17.60 -15.43 16.97
N PRO A 234 -17.37 -15.28 15.66
CA PRO A 234 -18.17 -14.36 14.86
C PRO A 234 -19.51 -15.04 14.57
N PRO A 235 -20.58 -14.26 14.58
CA PRO A 235 -21.93 -14.81 14.44
C PRO A 235 -22.12 -15.64 13.17
N GLU A 236 -23.12 -16.51 13.22
CA GLU A 236 -23.57 -17.23 12.04
C GLU A 236 -24.07 -16.15 11.08
N GLY A 237 -23.71 -16.27 9.81
CA GLY A 237 -24.15 -15.31 8.81
C GLY A 237 -23.49 -13.95 8.95
N ALA A 238 -22.30 -13.90 9.54
CA ALA A 238 -21.58 -12.61 9.69
C ALA A 238 -20.95 -12.15 8.36
N GLY A 239 -20.94 -13.09 7.39
CA GLY A 239 -20.39 -12.85 6.07
C GLY A 239 -20.28 -13.99 5.14
N LEU A 240 -19.52 -13.78 4.08
CA LEU A 240 -19.32 -14.83 3.13
C LEU A 240 -18.03 -14.67 2.40
N GLN A 241 -17.74 -15.65 1.56
CA GLN A 241 -16.57 -15.59 0.72
C GLN A 241 -16.97 -15.86 -0.71
N MET A 242 -16.23 -15.29 -1.67
CA MET A 242 -16.51 -15.60 -3.07
C MET A 242 -15.23 -15.63 -3.88
N THR A 243 -15.31 -16.29 -5.05
CA THR A 243 -14.22 -16.32 -6.01
C THR A 243 -14.83 -16.37 -7.39
N SER A 244 -14.00 -16.15 -8.40
CA SER A 244 -14.43 -15.98 -9.77
C SER A 244 -13.49 -16.72 -10.73
N LYS A 245 -13.93 -16.78 -11.98
CA LYS A 245 -13.21 -17.50 -13.00
C LYS A 245 -11.76 -17.07 -13.22
N TYR A 246 -11.52 -15.78 -13.24
CA TYR A 246 -10.20 -15.26 -13.57
C TYR A 246 -9.35 -15.00 -12.33
N GLY A 247 -9.82 -15.47 -11.18
CA GLY A 247 -9.01 -15.49 -9.96
C GLY A 247 -9.32 -14.48 -8.87
N SER A 248 -10.04 -13.43 -9.21
CA SER A 248 -10.36 -12.39 -8.27
C SER A 248 -11.35 -12.98 -7.28
N GLY A 249 -11.27 -12.50 -6.05
CA GLY A 249 -12.10 -13.06 -4.98
C GLY A 249 -12.12 -12.13 -3.81
N MET A 250 -13.02 -12.36 -2.85
CA MET A 250 -13.10 -11.50 -1.67
C MET A 250 -13.93 -12.08 -0.56
N GLY A 251 -13.62 -11.59 0.65
CA GLY A 251 -14.39 -11.84 1.86
C GLY A 251 -15.37 -10.69 2.07
N VAL A 252 -16.54 -11.01 2.65
CA VAL A 252 -17.59 -10.03 2.88
C VAL A 252 -17.89 -10.17 4.37
N LEU A 253 -17.82 -9.07 5.13
CA LEU A 253 -18.09 -9.04 6.55
C LEU A 253 -19.24 -8.05 6.70
N TRP A 254 -20.44 -8.56 6.82
CA TRP A 254 -21.61 -7.68 6.86
C TRP A 254 -21.54 -6.45 7.81
N ASP A 255 -21.93 -5.30 7.29
CA ASP A 255 -22.08 -4.02 8.03
C ASP A 255 -20.85 -3.34 8.59
N GLY A 256 -19.67 -3.92 8.39
CA GLY A 256 -18.43 -3.40 9.00
C GLY A 256 -17.85 -2.17 8.32
N TYR A 257 -18.68 -1.15 8.12
CA TYR A 257 -18.33 0.08 7.42
C TYR A 257 -17.18 0.90 8.01
N SER A 258 -16.93 0.83 9.32
CA SER A 258 -15.84 1.60 9.90
C SER A 258 -14.52 0.81 9.82
N GLY A 259 -14.67 -0.48 9.53
CA GLY A 259 -13.55 -1.36 9.27
C GLY A 259 -12.48 -1.35 10.36
N VAL A 260 -11.22 -1.22 9.94
CA VAL A 260 -10.13 -1.30 10.92
C VAL A 260 -9.92 0.00 11.67
N HIS A 261 -10.66 1.04 11.31
CA HIS A 261 -10.50 2.35 11.92
C HIS A 261 -10.83 2.34 13.41
N SER A 262 -9.87 2.88 14.17
CA SER A 262 -9.93 3.01 15.62
C SER A 262 -11.16 3.81 16.00
N ALA A 263 -11.55 3.69 17.26
CA ALA A 263 -12.74 4.32 17.76
C ALA A 263 -12.92 5.81 17.43
N ASP A 264 -11.82 6.58 17.30
CA ASP A 264 -11.96 8.00 16.97
C ASP A 264 -12.78 8.31 15.68
N LEU A 265 -12.87 7.37 14.74
CA LEU A 265 -13.64 7.56 13.50
C LEU A 265 -14.93 6.70 13.34
N VAL A 266 -15.15 5.75 14.24
CA VAL A 266 -16.21 4.77 14.10
C VAL A 266 -17.61 5.40 13.98
N PRO A 267 -17.95 6.29 14.90
CA PRO A 267 -19.27 6.97 14.86
C PRO A 267 -19.59 7.76 13.59
N GLU A 268 -18.66 8.59 13.15
CA GLU A 268 -18.86 9.34 11.91
C GLU A 268 -19.01 8.43 10.69
N LEU A 269 -18.14 7.43 10.55
CA LEU A 269 -18.25 6.51 9.43
C LEU A 269 -19.57 5.78 9.45
N MET A 270 -19.88 5.15 10.59
CA MET A 270 -21.09 4.37 10.68
C MET A 270 -22.32 5.20 10.34
N ALA A 271 -22.27 6.52 10.64
CA ALA A 271 -23.37 7.40 10.33
C ALA A 271 -23.39 7.67 8.84
N PHE A 272 -22.20 7.98 8.29
CA PHE A 272 -22.08 8.29 6.87
C PHE A 272 -22.54 7.12 6.04
N GLY A 273 -21.96 5.94 6.25
CA GLY A 273 -22.35 4.76 5.50
C GLY A 273 -23.84 4.39 5.64
N GLY A 274 -24.36 4.45 6.86
CA GLY A 274 -25.79 4.17 7.04
C GLY A 274 -26.74 5.09 6.30
N ALA A 275 -26.43 6.37 6.26
CA ALA A 275 -27.24 7.34 5.52
C ALA A 275 -27.23 7.04 4.02
N LYS A 276 -26.07 6.66 3.50
CA LYS A 276 -25.99 6.39 2.08
C LYS A 276 -26.73 5.12 1.79
N GLN A 277 -26.52 4.11 2.63
CA GLN A 277 -27.20 2.85 2.49
C GLN A 277 -28.72 3.14 2.39
N GLU A 278 -29.24 3.97 3.27
CA GLU A 278 -30.68 4.30 3.21
C GLU A 278 -31.15 4.80 1.83
N ARG A 279 -30.41 5.71 1.22
CA ARG A 279 -30.79 6.14 -0.12
C ARG A 279 -30.57 5.07 -1.19
N LEU A 280 -29.61 4.15 -0.96
CA LEU A 280 -29.27 3.15 -1.97
C LEU A 280 -30.31 2.03 -2.03
N ASN A 281 -30.92 1.75 -0.87
CA ASN A 281 -32.00 0.75 -0.79
C ASN A 281 -33.01 0.88 -1.96
N LYS A 282 -33.37 2.11 -2.30
CA LYS A 282 -34.35 2.42 -3.36
C LYS A 282 -33.78 2.28 -4.76
N GLU A 283 -32.47 2.43 -4.88
CA GLU A 283 -31.87 2.43 -6.20
C GLU A 283 -31.40 1.07 -6.62
N ILE A 284 -30.83 0.33 -5.68
CA ILE A 284 -30.21 -0.92 -6.06
C ILE A 284 -30.66 -2.09 -5.25
N GLY A 285 -31.48 -1.81 -4.24
CA GLY A 285 -32.03 -2.90 -3.46
C GLY A 285 -31.31 -3.10 -2.14
N ASP A 286 -32.04 -3.68 -1.18
CA ASP A 286 -31.57 -3.84 0.18
C ASP A 286 -30.26 -4.62 0.23
N VAL A 287 -30.20 -5.75 -0.46
CA VAL A 287 -29.01 -6.60 -0.40
C VAL A 287 -27.76 -5.82 -0.86
N ARG A 288 -27.80 -5.25 -2.08
CA ARG A 288 -26.66 -4.56 -2.62
C ARG A 288 -26.35 -3.31 -1.80
N ALA A 289 -27.39 -2.57 -1.40
CA ALA A 289 -27.17 -1.41 -0.52
C ALA A 289 -26.42 -1.81 0.77
N ARG A 290 -26.65 -2.99 1.30
CA ARG A 290 -25.92 -3.43 2.45
C ARG A 290 -24.50 -3.87 2.12
N ILE A 291 -24.32 -4.52 0.97
CA ILE A 291 -22.98 -4.82 0.47
C ILE A 291 -22.18 -3.52 0.42
N TYR A 292 -22.83 -2.44 -0.01
CA TYR A 292 -22.12 -1.21 -0.03
C TYR A 292 -21.47 -0.91 1.34
N ARG A 293 -22.14 -1.05 2.49
CA ARG A 293 -21.50 -0.70 3.78
C ARG A 293 -20.96 -1.91 4.57
N SER A 294 -20.58 -2.92 3.82
CA SER A 294 -19.99 -4.15 4.32
C SER A 294 -18.54 -4.17 3.87
N HIS A 295 -17.72 -4.67 4.77
CA HIS A 295 -16.26 -4.68 4.57
C HIS A 295 -15.86 -5.81 3.65
N LEU A 296 -15.30 -5.46 2.50
CA LEU A 296 -14.85 -6.42 1.52
C LEU A 296 -13.31 -6.49 1.54
N ASN A 297 -12.78 -7.67 1.77
CA ASN A 297 -11.33 -7.86 1.64
C ASN A 297 -11.16 -8.61 0.33
N CYS A 298 -10.63 -7.92 -0.65
CA CYS A 298 -10.62 -8.42 -2.03
C CYS A 298 -9.23 -8.40 -2.65
N THR A 299 -8.94 -9.40 -3.47
CA THR A 299 -7.81 -9.32 -4.37
C THR A 299 -8.32 -9.40 -5.80
N VAL A 300 -7.91 -8.43 -6.58
CA VAL A 300 -8.14 -8.40 -8.02
C VAL A 300 -6.89 -9.03 -8.61
N PHE A 301 -7.06 -10.22 -9.13
CA PHE A 301 -5.95 -11.03 -9.61
C PHE A 301 -5.14 -10.24 -10.61
N PRO A 302 -3.82 -10.33 -10.52
CA PRO A 302 -3.10 -11.13 -9.53
C PRO A 302 -2.64 -10.44 -8.25
N ASN A 303 -2.27 -9.17 -8.32
CA ASN A 303 -1.53 -8.55 -7.21
C ASN A 303 -2.03 -7.20 -6.73
N ASN A 304 -3.35 -6.98 -6.82
CA ASN A 304 -3.95 -5.74 -6.36
C ASN A 304 -4.96 -6.13 -5.28
N SER A 305 -4.87 -5.55 -4.10
CA SER A 305 -5.75 -5.91 -3.03
C SER A 305 -6.37 -4.68 -2.41
N MET A 306 -7.42 -4.88 -1.63
CA MET A 306 -8.09 -3.73 -1.06
C MET A 306 -9.00 -4.16 0.05
N LEU A 307 -9.30 -3.20 0.92
CA LEU A 307 -10.25 -3.38 2.00
C LEU A 307 -11.26 -2.25 1.85
N THR A 308 -12.43 -2.53 1.27
CA THR A 308 -13.38 -1.41 1.15
C THR A 308 -13.87 -1.04 2.55
N CYS A 309 -14.38 0.20 2.68
CA CYS A 309 -14.87 0.72 3.98
C CYS A 309 -13.69 1.20 4.82
N SER A 310 -12.75 0.29 5.12
CA SER A 310 -11.51 0.66 5.73
C SER A 310 -10.78 1.62 4.78
N GLY A 311 -10.95 1.38 3.49
CA GLY A 311 -10.34 2.27 2.54
C GLY A 311 -8.89 1.95 2.20
N VAL A 312 -8.44 0.74 2.43
CA VAL A 312 -7.03 0.40 2.14
C VAL A 312 -6.90 -0.08 0.70
N PHE A 313 -5.90 0.39 -0.08
CA PHE A 313 -5.73 -0.05 -1.46
C PHE A 313 -4.22 -0.34 -1.66
N LYS A 314 -3.93 -1.58 -2.05
CA LYS A 314 -2.56 -2.10 -2.16
C LYS A 314 -2.18 -2.64 -3.51
N VAL A 315 -0.93 -2.40 -3.87
CA VAL A 315 -0.33 -3.09 -5.01
C VAL A 315 0.90 -3.87 -4.45
N TRP A 316 0.90 -5.19 -4.66
CA TRP A 316 2.02 -6.05 -4.26
C TRP A 316 2.97 -6.20 -5.48
N ASN A 317 3.87 -5.25 -5.62
CA ASN A 317 4.77 -5.24 -6.79
C ASN A 317 5.90 -6.27 -6.67
N PRO A 318 5.98 -7.21 -7.61
CA PRO A 318 6.98 -8.28 -7.55
C PRO A 318 8.40 -7.80 -7.85
N ILE A 319 9.39 -8.24 -7.05
CA ILE A 319 10.77 -7.88 -7.32
C ILE A 319 11.55 -9.15 -7.60
N ASP A 320 11.41 -10.11 -6.69
CA ASP A 320 11.89 -11.48 -6.91
C ASP A 320 11.10 -12.45 -6.02
N ALA A 321 11.45 -13.75 -5.97
CA ALA A 321 10.56 -14.69 -5.26
C ALA A 321 10.38 -14.41 -3.78
N ASN A 322 11.35 -13.72 -3.16
CA ASN A 322 11.21 -13.40 -1.73
C ASN A 322 11.33 -11.87 -1.50
N THR A 323 11.01 -11.09 -2.53
CA THR A 323 10.99 -9.63 -2.42
C THR A 323 9.78 -9.02 -3.13
N THR A 324 9.05 -8.16 -2.42
CA THR A 324 7.89 -7.42 -2.93
C THR A 324 7.90 -5.96 -2.44
N GLU A 325 7.55 -5.06 -3.33
CA GLU A 325 7.45 -3.67 -2.99
C GLU A 325 5.96 -3.36 -2.83
N VAL A 326 5.58 -2.99 -1.64
CA VAL A 326 4.19 -2.74 -1.24
C VAL A 326 3.81 -1.28 -1.39
N TRP A 327 2.84 -0.98 -2.25
CA TRP A 327 2.37 0.38 -2.40
C TRP A 327 1.02 0.49 -1.70
N THR A 328 0.85 1.50 -0.87
CA THR A 328 -0.36 1.63 -0.07
C THR A 328 -1.06 2.95 -0.30
N TYR A 329 -2.28 2.90 -0.83
CA TYR A 329 -3.06 4.12 -1.07
C TYR A 329 -4.32 4.06 -0.17
N ALA A 330 -4.97 5.20 -0.03
CA ALA A 330 -6.22 5.27 0.69
C ALA A 330 -7.34 5.51 -0.34
N ILE A 331 -8.46 4.82 -0.16
CA ILE A 331 -9.60 5.05 -1.06
C ILE A 331 -10.67 5.76 -0.23
N VAL A 332 -11.23 6.85 -0.76
CA VAL A 332 -12.32 7.57 -0.10
C VAL A 332 -13.51 7.80 -1.07
N GLU A 333 -14.72 7.91 -0.52
CA GLU A 333 -15.93 8.20 -1.34
C GLU A 333 -15.87 9.67 -1.70
N LYS A 334 -16.08 10.03 -2.97
CA LYS A 334 -15.93 11.42 -3.39
C LYS A 334 -16.85 12.40 -2.66
N ASP A 335 -18.04 11.96 -2.26
CA ASP A 335 -18.96 12.89 -1.60
C ASP A 335 -18.80 12.98 -0.10
N MET A 336 -17.73 12.40 0.44
CA MET A 336 -17.43 12.57 1.86
C MET A 336 -16.92 13.96 2.03
N PRO A 337 -17.19 14.57 3.18
CA PRO A 337 -16.64 15.89 3.44
C PRO A 337 -15.11 15.80 3.48
N GLU A 338 -14.47 16.87 3.04
CA GLU A 338 -13.03 16.93 2.90
C GLU A 338 -12.26 16.59 4.14
N ASP A 339 -12.76 17.09 5.27
CA ASP A 339 -12.07 16.80 6.52
C ASP A 339 -12.14 15.34 6.90
N LEU A 340 -13.24 14.71 6.56
CA LEU A 340 -13.34 13.30 6.81
C LEU A 340 -12.41 12.53 5.84
N LYS A 341 -12.33 12.95 4.58
CA LYS A 341 -11.45 12.31 3.62
C LYS A 341 -10.00 12.32 4.13
N ARG A 342 -9.57 13.48 4.60
CA ARG A 342 -8.22 13.68 5.16
C ARG A 342 -7.94 12.75 6.32
N ARG A 343 -8.84 12.72 7.30
CA ARG A 343 -8.70 11.83 8.42
C ARG A 343 -8.76 10.33 8.07
N LEU A 344 -9.60 9.93 7.12
CA LEU A 344 -9.66 8.53 6.70
C LEU A 344 -8.32 8.11 6.06
N ALA A 345 -7.81 8.96 5.20
CA ALA A 345 -6.51 8.69 4.56
C ALA A 345 -5.39 8.47 5.62
N ASP A 346 -5.32 9.33 6.64
CA ASP A 346 -4.30 9.20 7.71
C ASP A 346 -4.51 7.87 8.46
N SER A 347 -5.80 7.53 8.68
CA SER A 347 -6.14 6.29 9.38
C SER A 347 -5.78 5.06 8.57
N VAL A 348 -6.00 5.10 7.27
CA VAL A 348 -5.54 4.03 6.44
C VAL A 348 -4.01 3.85 6.61
N GLN A 349 -3.25 4.95 6.55
CA GLN A 349 -1.77 4.78 6.64
C GLN A 349 -1.34 4.37 8.06
N ARG A 350 -2.10 4.85 9.05
CA ARG A 350 -1.84 4.59 10.47
C ARG A 350 -1.95 3.10 10.74
N THR A 351 -2.88 2.43 10.05
CA THR A 351 -3.14 1.05 10.27
C THR A 351 -2.44 0.14 9.30
N PHE A 352 -2.48 0.52 8.04
CA PHE A 352 -1.93 -0.33 6.99
C PHE A 352 -0.78 0.23 6.17
N GLY A 353 -0.31 1.42 6.50
CA GLY A 353 0.79 2.03 5.79
C GLY A 353 2.17 1.56 6.24
N PRO A 354 3.19 2.30 5.85
CA PRO A 354 4.59 1.95 6.18
C PRO A 354 4.84 1.73 7.66
N ALA A 355 4.13 2.47 8.51
CA ALA A 355 4.14 2.25 9.94
C ALA A 355 2.78 1.79 10.41
N GLY A 356 2.04 1.09 9.55
CA GLY A 356 0.75 0.55 9.94
C GLY A 356 0.88 -0.49 10.99
N PHE A 357 0.27 -0.26 12.14
CA PHE A 357 0.45 -1.22 13.21
C PHE A 357 -0.27 -2.52 12.90
N TRP A 358 -1.37 -2.47 12.14
CA TRP A 358 -1.98 -3.74 11.72
C TRP A 358 -1.06 -4.48 10.74
N GLU A 359 -0.61 -3.76 9.71
CA GLU A 359 0.24 -4.36 8.65
C GLU A 359 1.49 -5.02 9.25
N SER A 360 2.04 -4.40 10.29
CA SER A 360 3.20 -4.98 10.97
C SER A 360 2.95 -6.35 11.57
N ASP A 361 1.75 -6.60 12.06
CA ASP A 361 1.39 -7.91 12.59
C ASP A 361 1.60 -9.02 11.54
N ASP A 362 1.40 -8.69 10.26
CA ASP A 362 1.43 -9.67 9.18
C ASP A 362 2.81 -9.93 8.59
N ASN A 363 3.77 -9.07 8.93
CA ASN A 363 5.11 -9.12 8.34
C ASN A 363 5.76 -10.46 8.49
N ASP A 364 5.88 -10.94 9.74
CA ASP A 364 6.56 -12.22 10.00
C ASP A 364 5.84 -13.35 9.30
N ASN A 365 4.51 -13.31 9.34
CA ASN A 365 3.75 -14.36 8.71
C ASN A 365 4.10 -14.45 7.23
N MET A 366 4.07 -13.34 6.54
CA MET A 366 4.29 -13.38 5.11
C MET A 366 5.73 -13.69 4.75
N GLU A 367 6.62 -13.04 5.45
CA GLU A 367 8.05 -13.20 5.12
C GLU A 367 8.50 -14.64 5.39
N THR A 368 8.20 -15.19 6.56
CA THR A 368 8.69 -16.55 6.83
C THR A 368 8.01 -17.63 5.98
N ALA A 369 6.70 -17.50 5.76
CA ALA A 369 6.02 -18.43 4.88
C ALA A 369 6.65 -18.41 3.49
N SER A 370 7.02 -17.24 3.00
CA SER A 370 7.64 -17.18 1.69
C SER A 370 9.02 -17.75 1.70
N GLN A 371 9.81 -17.41 2.70
CA GLN A 371 11.22 -17.84 2.74
C GLN A 371 11.34 -19.35 3.00
N ASN A 372 10.37 -19.91 3.72
CA ASN A 372 10.36 -21.35 3.96
C ASN A 372 10.20 -22.12 2.69
N GLY A 373 9.63 -21.48 1.67
CA GLY A 373 9.46 -22.05 0.36
C GLY A 373 10.76 -22.37 -0.37
N LYS A 374 11.89 -21.80 0.08
CA LYS A 374 13.19 -22.08 -0.51
C LYS A 374 13.91 -23.23 0.20
N LYS A 375 13.48 -23.53 1.42
CA LYS A 375 14.13 -24.54 2.26
C LYS A 375 13.90 -25.93 1.69
N TYR A 376 14.98 -26.70 1.63
CA TYR A 376 14.98 -27.99 0.97
C TYR A 376 13.84 -28.91 1.35
N GLN A 377 13.61 -29.10 2.65
CA GLN A 377 12.59 -30.06 3.12
C GLN A 377 11.16 -29.57 2.99
N SER A 378 11.01 -28.31 2.60
CA SER A 378 9.68 -27.70 2.47
C SER A 378 9.24 -27.49 1.03
N ARG A 379 10.17 -27.55 0.08
CA ARG A 379 9.83 -27.21 -1.31
C ARG A 379 8.67 -28.02 -1.86
N ASP A 380 8.73 -29.33 -1.64
CA ASP A 380 7.72 -30.28 -2.10
C ASP A 380 6.58 -30.53 -1.08
N SER A 381 6.48 -29.69 -0.05
CA SER A 381 5.40 -29.85 0.95
C SER A 381 4.17 -29.09 0.48
N ASP A 382 3.04 -29.39 1.07
CA ASP A 382 1.77 -28.84 0.58
C ASP A 382 1.18 -27.81 1.50
N LEU A 383 1.00 -26.59 1.01
CA LEU A 383 0.27 -25.58 1.73
C LEU A 383 -1.21 -25.95 1.63
N LEU A 384 -1.94 -25.97 2.74
CA LEU A 384 -3.35 -26.35 2.77
C LEU A 384 -4.30 -25.19 2.60
N SER A 385 -5.32 -25.39 1.75
CA SER A 385 -6.41 -24.43 1.57
C SER A 385 -7.75 -25.19 1.39
N ASN A 386 -8.05 -26.09 2.33
CA ASN A 386 -9.22 -26.94 2.25
C ASN A 386 -10.35 -26.52 3.16
N LEU A 387 -10.19 -25.45 3.92
CA LEU A 387 -11.27 -25.04 4.81
C LEU A 387 -12.56 -24.64 4.04
N GLY A 388 -13.64 -25.37 4.31
CA GLY A 388 -14.93 -25.12 3.64
C GLY A 388 -15.17 -25.86 2.34
N PHE A 389 -14.22 -26.70 1.97
CA PHE A 389 -14.36 -27.40 0.70
C PHE A 389 -15.54 -28.38 0.81
N GLY A 390 -16.38 -28.38 -0.21
CA GLY A 390 -17.56 -29.22 -0.26
C GLY A 390 -18.78 -28.57 0.36
N GLU A 391 -18.72 -27.27 0.60
CA GLU A 391 -19.87 -26.53 1.04
C GLU A 391 -20.05 -25.29 0.18
N ASP A 392 -19.20 -25.12 -0.82
CA ASP A 392 -19.30 -23.90 -1.63
C ASP A 392 -20.38 -24.10 -2.68
N VAL A 393 -21.01 -23.04 -3.16
CA VAL A 393 -22.00 -23.18 -4.19
C VAL A 393 -21.66 -22.37 -5.42
N TYR A 394 -22.36 -22.74 -6.53
CA TYR A 394 -22.31 -22.04 -7.83
C TYR A 394 -23.74 -21.69 -8.24
N GLY A 395 -23.85 -20.49 -8.78
CA GLY A 395 -25.07 -19.95 -9.33
C GLY A 395 -26.14 -19.59 -8.34
N ASP A 396 -25.80 -19.07 -7.16
CA ASP A 396 -26.79 -18.75 -6.16
C ASP A 396 -27.75 -17.68 -6.66
N ALA A 397 -28.98 -17.73 -6.13
CA ALA A 397 -30.02 -16.78 -6.55
C ALA A 397 -29.74 -15.35 -6.15
N VAL A 398 -28.92 -15.17 -5.13
CA VAL A 398 -28.70 -13.82 -4.66
C VAL A 398 -27.25 -13.35 -4.74
N TYR A 399 -26.29 -14.23 -4.38
CA TYR A 399 -24.84 -13.90 -4.38
C TYR A 399 -24.11 -14.65 -5.47
N PRO A 400 -23.60 -13.96 -6.47
CA PRO A 400 -22.97 -14.64 -7.60
C PRO A 400 -21.53 -15.11 -7.38
N GLY A 401 -21.10 -16.08 -8.17
CA GLY A 401 -19.73 -16.59 -8.12
C GLY A 401 -19.73 -17.91 -7.43
N VAL A 402 -18.54 -18.42 -7.13
CA VAL A 402 -18.41 -19.63 -6.31
C VAL A 402 -18.38 -19.02 -4.92
N VAL A 403 -19.32 -19.40 -4.08
CA VAL A 403 -19.55 -18.70 -2.85
C VAL A 403 -19.60 -19.64 -1.66
N GLY A 404 -18.95 -19.22 -0.58
CA GLY A 404 -18.98 -19.92 0.70
C GLY A 404 -19.86 -19.08 1.60
N LYS A 405 -20.96 -19.65 2.06
CA LYS A 405 -21.87 -18.88 2.88
C LYS A 405 -21.44 -18.84 4.32
N SER A 406 -20.17 -18.50 4.52
CA SER A 406 -19.64 -18.30 5.86
C SER A 406 -18.54 -17.23 5.80
N ALA A 407 -18.43 -16.44 6.87
CA ALA A 407 -17.41 -15.41 6.99
C ALA A 407 -15.97 -15.92 6.91
N ILE A 408 -15.71 -17.07 7.50
CA ILE A 408 -14.35 -17.61 7.55
C ILE A 408 -14.18 -18.94 6.81
N GLY A 409 -13.36 -18.96 5.76
CA GLY A 409 -13.09 -20.19 5.04
C GLY A 409 -11.97 -19.98 4.05
N GLU A 410 -11.73 -20.94 3.19
CA GLU A 410 -10.64 -20.81 2.21
C GLU A 410 -11.15 -20.85 0.75
N THR A 411 -12.44 -20.55 0.56
CA THR A 411 -13.02 -20.50 -0.79
C THR A 411 -12.20 -19.64 -1.76
N SER A 412 -11.87 -18.45 -1.35
CA SER A 412 -11.16 -17.53 -2.23
C SER A 412 -9.71 -17.92 -2.51
N TYR A 413 -9.05 -18.65 -1.61
CA TYR A 413 -7.73 -19.16 -1.92
C TYR A 413 -7.85 -20.16 -3.06
N ARG A 414 -8.86 -21.02 -2.96
CA ARG A 414 -9.02 -22.07 -3.96
C ARG A 414 -9.23 -21.52 -5.37
N GLY A 415 -10.03 -20.47 -5.47
CA GLY A 415 -10.28 -19.85 -6.75
C GLY A 415 -9.07 -19.07 -7.27
N PHE A 416 -8.32 -18.46 -6.36
CA PHE A 416 -7.12 -17.73 -6.73
C PHE A 416 -6.11 -18.70 -7.31
N TYR A 417 -5.87 -19.79 -6.60
CA TYR A 417 -4.90 -20.78 -7.05
C TYR A 417 -5.32 -21.64 -8.26
N ARG A 418 -6.60 -21.88 -8.43
CA ARG A 418 -7.07 -22.58 -9.67
C ARG A 418 -6.82 -21.81 -10.99
N ALA A 419 -6.94 -20.47 -10.81
CA ALA A 419 -6.67 -19.49 -11.86
C ALA A 419 -5.15 -19.39 -12.06
N TYR A 420 -4.39 -19.34 -10.97
CA TYR A 420 -2.93 -19.36 -11.07
C TYR A 420 -2.39 -20.63 -11.82
N GLN A 421 -2.85 -21.89 -11.55
CA GLN A 421 -2.34 -23.12 -12.21
C GLN A 421 -2.64 -23.03 -13.73
N ALA A 422 -3.91 -22.70 -14.03
CA ALA A 422 -4.37 -22.57 -15.39
C ALA A 422 -3.46 -21.61 -16.19
N HIS A 423 -3.09 -20.46 -15.64
CA HIS A 423 -2.19 -19.57 -16.34
C HIS A 423 -0.77 -20.14 -16.41
N VAL A 424 -0.25 -20.68 -15.31
CA VAL A 424 1.18 -21.02 -15.30
C VAL A 424 1.36 -22.17 -16.29
N SER A 425 0.33 -22.99 -16.46
CA SER A 425 0.46 -24.14 -17.37
C SER A 425 0.00 -23.88 -18.81
N SER A 426 -0.38 -22.63 -19.08
CA SER A 426 -0.90 -22.23 -20.36
C SER A 426 -0.01 -21.23 -21.07
N SER A 427 -0.05 -21.27 -22.39
CA SER A 427 0.81 -20.43 -23.20
C SER A 427 0.18 -19.16 -23.66
N ASN A 428 -1.14 -19.09 -23.60
CA ASN A 428 -1.86 -17.93 -24.05
C ASN A 428 -3.25 -17.94 -23.44
N TRP A 429 -3.98 -16.89 -23.73
CA TRP A 429 -5.31 -16.78 -23.17
C TRP A 429 -6.25 -17.90 -23.64
N ALA A 430 -6.09 -18.34 -24.90
CA ALA A 430 -7.00 -19.38 -25.40
C ALA A 430 -6.83 -20.67 -24.61
N GLU A 431 -5.58 -20.99 -24.31
CA GLU A 431 -5.33 -22.17 -23.52
C GLU A 431 -5.84 -21.99 -22.09
N PHE A 432 -5.75 -20.77 -21.54
CA PHE A 432 -6.27 -20.56 -20.19
C PHE A 432 -7.78 -20.86 -20.23
N GLU A 433 -8.44 -20.37 -21.27
CA GLU A 433 -9.88 -20.55 -21.35
C GLU A 433 -10.23 -22.02 -21.41
N HIS A 434 -9.46 -22.78 -22.14
CA HIS A 434 -9.70 -24.21 -22.28
C HIS A 434 -9.46 -24.91 -20.97
N ALA A 435 -8.44 -24.46 -20.24
CA ALA A 435 -8.15 -25.05 -18.94
C ALA A 435 -9.19 -24.62 -17.90
N SER A 436 -10.01 -23.65 -18.23
CA SER A 436 -10.94 -23.08 -17.23
C SER A 436 -12.42 -23.28 -17.56
N SER A 437 -12.67 -24.11 -18.55
CA SER A 437 -14.03 -24.39 -19.03
C SER A 437 -14.95 -25.02 -17.97
N THR A 438 -14.38 -25.71 -16.98
CA THR A 438 -15.15 -26.25 -15.87
C THR A 438 -14.71 -25.70 -14.47
N TRP A 439 -14.28 -24.46 -14.42
CA TRP A 439 -13.76 -23.84 -13.21
C TRP A 439 -14.71 -23.99 -12.03
N HIS A 440 -15.98 -23.61 -12.15
CA HIS A 440 -16.85 -23.60 -10.95
C HIS A 440 -17.16 -25.03 -10.47
N THR A 441 -17.23 -25.97 -11.40
CA THR A 441 -17.43 -27.37 -11.06
C THR A 441 -16.20 -27.90 -10.30
N GLU A 442 -15.03 -27.51 -10.79
CA GLU A 442 -13.83 -27.95 -10.10
C GLU A 442 -13.86 -27.42 -8.67
N LEU A 443 -14.29 -26.18 -8.49
CA LEU A 443 -14.33 -25.57 -7.16
C LEU A 443 -15.41 -26.05 -6.19
N THR A 444 -16.55 -26.51 -6.68
CA THR A 444 -17.63 -26.95 -5.77
C THR A 444 -17.72 -28.47 -5.62
N LYS A 445 -16.87 -29.17 -6.34
CA LYS A 445 -16.88 -30.63 -6.44
C LYS A 445 -17.79 -31.43 -5.48
N THR A 446 -17.36 -31.56 -4.22
CA THR A 446 -18.08 -32.43 -3.29
C THR A 446 -19.45 -31.91 -2.82
N THR A 447 -19.85 -30.72 -3.29
CA THR A 447 -21.19 -30.21 -3.00
C THR A 447 -22.05 -30.36 -4.24
N MET B 2 19.85 34.56 5.99
CA MET B 2 21.16 34.41 5.39
C MET B 2 21.03 33.86 4.01
N ILE B 3 20.27 32.81 3.87
CA ILE B 3 20.01 32.21 2.59
C ILE B 3 19.04 33.02 1.72
N ASN B 4 19.40 33.21 0.46
CA ASN B 4 18.52 33.80 -0.51
C ASN B 4 18.16 32.64 -1.43
N ILE B 5 16.90 32.20 -1.42
CA ILE B 5 16.54 31.00 -2.16
C ILE B 5 16.43 31.20 -3.67
N GLN B 6 16.52 32.45 -4.12
CA GLN B 6 16.56 32.70 -5.55
C GLN B 6 17.98 32.39 -6.06
N GLU B 7 18.99 32.62 -5.23
CA GLU B 7 20.35 32.27 -5.62
C GLU B 7 20.71 30.81 -5.25
N ASP B 8 20.33 30.38 -4.04
CA ASP B 8 20.59 29.00 -3.58
C ASP B 8 19.38 28.23 -4.03
N LYS B 9 19.42 27.88 -5.30
CA LYS B 9 18.29 27.35 -6.03
C LYS B 9 17.79 26.00 -5.51
N LEU B 10 18.61 25.24 -4.80
CA LEU B 10 18.15 23.93 -4.33
C LEU B 10 17.46 24.02 -2.95
N VAL B 11 17.45 25.20 -2.34
CA VAL B 11 16.98 25.29 -0.96
C VAL B 11 15.49 25.62 -0.90
N SER B 12 14.73 24.85 -0.14
CA SER B 12 13.31 25.14 0.03
C SER B 12 13.07 26.32 1.00
N ALA B 13 11.92 26.95 0.85
CA ALA B 13 11.59 28.09 1.72
C ALA B 13 11.49 27.63 3.17
N HIS B 14 10.92 26.45 3.38
CA HIS B 14 10.81 25.93 4.72
C HIS B 14 12.19 25.78 5.36
N ASP B 15 13.09 25.15 4.64
CA ASP B 15 14.44 24.94 5.14
C ASP B 15 15.17 26.24 5.43
N ALA B 16 15.04 27.21 4.52
CA ALA B 16 15.69 28.51 4.74
C ALA B 16 15.13 29.18 6.01
N GLU B 17 13.83 29.08 6.23
CA GLU B 17 13.21 29.62 7.48
C GLU B 17 13.75 28.97 8.75
N GLU B 18 13.91 27.64 8.71
CA GLU B 18 14.38 26.92 9.88
C GLU B 18 15.78 27.26 10.27
N ILE B 19 16.63 27.46 9.27
CA ILE B 19 18.00 27.75 9.55
C ILE B 19 18.13 29.12 10.24
N LEU B 20 17.37 30.08 9.77
CA LEU B 20 17.38 31.44 10.33
C LEU B 20 17.19 31.44 11.83
N ARG B 21 16.33 30.55 12.30
CA ARG B 21 15.99 30.49 13.71
C ARG B 21 17.12 29.95 14.60
N PHE B 22 18.21 29.43 14.02
CA PHE B 22 19.32 28.96 14.83
C PHE B 22 20.59 29.77 14.65
N PHE B 23 20.78 30.44 13.50
CA PHE B 23 22.00 31.18 13.28
C PHE B 23 22.12 32.45 14.12
N ASN B 24 20.95 32.97 14.50
CA ASN B 24 20.88 34.20 15.30
C ASN B 24 21.40 33.98 16.73
N CYS B 25 20.77 34.52 17.77
CA CYS B 25 21.42 34.32 19.07
C CYS B 25 21.37 32.90 19.56
N HIS B 26 22.57 32.36 19.62
CA HIS B 26 22.86 31.06 20.12
C HIS B 26 22.99 31.16 21.64
N ASP B 27 22.41 30.20 22.34
CA ASP B 27 22.42 30.15 23.80
C ASP B 27 23.00 28.82 24.21
N SER B 28 24.29 28.81 24.56
CA SER B 28 25.03 27.59 24.94
C SER B 28 24.31 26.68 25.95
N ALA B 29 23.62 27.27 26.91
CA ALA B 29 22.96 26.47 27.95
C ALA B 29 21.69 25.82 27.47
N LEU B 30 21.06 26.44 26.51
CA LEU B 30 19.85 25.90 25.95
C LEU B 30 20.25 24.70 25.09
N GLN B 31 21.42 24.76 24.47
CA GLN B 31 21.89 23.68 23.62
C GLN B 31 22.13 22.49 24.55
N GLN B 32 22.72 22.79 25.69
CA GLN B 32 22.98 21.74 26.67
C GLN B 32 21.70 21.16 27.27
N GLU B 33 20.71 21.97 27.61
CA GLU B 33 19.46 21.45 28.10
C GLU B 33 18.81 20.50 27.01
N ALA B 34 18.85 20.94 25.77
CA ALA B 34 18.23 20.16 24.69
C ALA B 34 18.95 18.82 24.53
N THR B 35 20.28 18.87 24.66
CA THR B 35 21.07 17.64 24.54
C THR B 35 20.64 16.64 25.59
N THR B 36 20.45 17.11 26.83
CA THR B 36 20.05 16.24 27.92
C THR B 36 18.64 15.65 27.68
N LEU B 37 17.70 16.49 27.31
CA LEU B 37 16.32 16.09 27.03
C LEU B 37 16.28 14.98 26.01
N LEU B 38 16.99 15.19 24.89
CA LEU B 38 16.98 14.22 23.80
C LEU B 38 17.72 12.93 24.17
N THR B 39 18.83 13.04 24.89
CA THR B 39 19.51 11.83 25.32
C THR B 39 18.68 10.99 26.27
N GLN B 40 18.00 11.63 27.21
CA GLN B 40 17.15 10.88 28.12
C GLN B 40 15.95 10.25 27.36
N GLU B 41 15.38 10.99 26.41
CA GLU B 41 14.26 10.47 25.60
C GLU B 41 14.68 9.20 24.85
N ALA B 42 15.87 9.28 24.23
CA ALA B 42 16.39 8.18 23.44
C ALA B 42 16.71 6.97 24.33
N HIS B 43 17.13 7.21 25.57
CA HIS B 43 17.44 6.13 26.50
C HIS B 43 16.14 5.38 26.85
N LEU B 44 15.12 6.14 27.21
CA LEU B 44 13.81 5.57 27.55
C LEU B 44 13.31 4.71 26.35
N LEU B 45 13.38 5.25 25.15
CA LEU B 45 12.92 4.54 23.96
C LEU B 45 13.78 3.31 23.71
N ASP B 46 15.08 3.43 23.87
CA ASP B 46 15.98 2.31 23.62
C ASP B 46 15.72 1.15 24.55
N ILE B 47 15.31 1.41 25.79
CA ILE B 47 15.00 0.30 26.69
C ILE B 47 13.56 -0.14 26.64
N GLN B 48 12.81 0.47 25.72
CA GLN B 48 11.41 0.18 25.46
C GLN B 48 10.46 0.56 26.61
N ALA B 49 10.80 1.61 27.36
CA ALA B 49 9.97 2.16 28.47
C ALA B 49 8.97 3.10 27.83
N TYR B 50 8.11 2.54 26.97
CA TYR B 50 7.21 3.36 26.18
C TYR B 50 6.21 4.14 27.05
N ARG B 51 5.76 3.56 28.12
CA ARG B 51 4.84 4.28 29.01
C ARG B 51 5.57 5.44 29.66
N ALA B 52 6.78 5.19 30.15
CA ALA B 52 7.59 6.28 30.70
C ALA B 52 7.86 7.38 29.71
N TRP B 53 8.15 7.01 28.46
CA TRP B 53 8.37 8.01 27.42
C TRP B 53 7.14 8.90 27.31
N LEU B 54 5.98 8.31 27.18
CA LEU B 54 4.76 9.08 27.11
C LEU B 54 4.57 10.02 28.33
N GLU B 55 4.79 9.49 29.51
CA GLU B 55 4.54 10.22 30.76
C GLU B 55 5.53 11.38 30.97
N HIS B 56 6.79 11.15 30.59
CA HIS B 56 7.85 12.07 30.87
C HIS B 56 8.35 12.93 29.70
N CYS B 57 8.17 12.45 28.46
CA CYS B 57 8.69 13.17 27.30
C CYS B 57 7.66 13.75 26.35
N VAL B 58 6.41 13.30 26.43
CA VAL B 58 5.39 13.65 25.43
C VAL B 58 4.20 14.47 25.98
N GLY B 59 3.99 15.66 25.41
CA GLY B 59 2.95 16.57 25.84
C GLY B 59 1.57 16.18 25.40
N SER B 60 0.59 16.53 26.22
CA SER B 60 -0.77 16.17 25.88
C SER B 60 -1.20 16.75 24.54
N GLU B 61 -0.69 17.90 24.09
CA GLU B 61 -1.12 18.49 22.82
C GLU B 61 -0.21 18.12 21.65
N VAL B 62 0.57 17.07 21.79
CA VAL B 62 1.53 16.70 20.78
C VAL B 62 0.98 16.38 19.39
N GLN B 63 1.77 16.72 18.38
CA GLN B 63 1.55 16.32 17.00
C GLN B 63 2.85 15.60 16.65
N TYR B 64 2.78 14.29 16.38
CA TYR B 64 3.96 13.45 16.08
C TYR B 64 3.82 13.04 14.64
N GLN B 65 4.62 13.66 13.76
CA GLN B 65 4.41 13.51 12.34
C GLN B 65 5.68 13.14 11.54
N VAL B 66 5.56 12.09 10.74
CA VAL B 66 6.62 11.64 9.83
C VAL B 66 5.96 11.54 8.42
N ILE B 67 6.45 12.29 7.43
CA ILE B 67 5.87 12.25 6.08
C ILE B 67 6.82 11.57 5.09
N SER B 68 6.24 11.10 3.98
CA SER B 68 6.96 10.54 2.81
C SER B 68 6.46 11.37 1.62
N ARG B 69 7.37 12.16 1.06
CA ARG B 69 7.09 13.04 -0.02
C ARG B 69 7.28 12.39 -1.37
N GLU B 70 6.29 12.53 -2.25
CA GLU B 70 6.38 11.95 -3.59
C GLU B 70 7.52 12.58 -4.36
N LEU B 71 8.24 11.82 -5.16
CA LEU B 71 9.33 12.36 -5.96
C LEU B 71 8.75 13.12 -7.15
N ARG B 72 9.05 14.39 -7.26
CA ARG B 72 8.54 15.23 -8.34
C ARG B 72 9.69 15.95 -8.97
N ALA B 73 9.46 16.46 -10.17
CA ALA B 73 10.53 17.09 -10.93
C ALA B 73 11.02 18.33 -10.25
N ALA B 74 12.34 18.53 -10.28
CA ALA B 74 12.94 19.75 -9.74
C ALA B 74 12.18 20.98 -10.35
N SER B 75 11.84 20.89 -11.63
CA SER B 75 11.16 21.95 -12.37
C SER B 75 9.63 21.83 -12.43
N GLU B 76 9.03 21.00 -11.58
CA GLU B 76 7.56 20.84 -11.60
C GLU B 76 6.86 22.07 -11.07
N ARG B 77 5.82 22.55 -11.76
CA ARG B 77 5.10 23.74 -11.37
C ARG B 77 3.59 23.71 -11.71
N ARG B 78 3.14 22.71 -12.45
CA ARG B 78 1.72 22.58 -12.77
C ARG B 78 1.00 21.55 -11.88
N TYR B 79 1.61 20.39 -11.67
CA TYR B 79 0.95 19.32 -10.90
C TYR B 79 0.88 19.72 -9.45
N LYS B 80 -0.33 19.81 -8.90
CA LYS B 80 -0.53 20.39 -7.57
C LYS B 80 -1.19 19.49 -6.50
N LEU B 81 -1.36 18.21 -6.80
CA LEU B 81 -2.01 17.26 -5.90
C LEU B 81 -1.13 16.88 -4.70
N ASN B 82 -1.77 16.29 -3.68
CA ASN B 82 -1.12 15.95 -2.40
C ASN B 82 0.33 15.55 -2.57
N GLU B 83 1.21 16.34 -1.99
CA GLU B 83 2.67 16.18 -2.12
C GLU B 83 3.24 15.04 -1.31
N ALA B 84 2.61 14.69 -0.20
CA ALA B 84 3.18 13.57 0.55
C ALA B 84 2.13 12.72 1.24
N MET B 85 2.54 11.67 1.89
CA MET B 85 1.59 10.94 2.71
C MET B 85 2.12 10.97 4.13
N ASN B 86 1.27 10.69 5.11
CA ASN B 86 1.64 10.69 6.52
C ASN B 86 1.93 9.26 7.05
N VAL B 87 3.21 8.93 7.25
CA VAL B 87 3.57 7.67 7.86
C VAL B 87 3.10 7.66 9.32
N TYR B 88 3.27 8.82 9.98
CA TYR B 88 2.78 9.07 11.34
C TYR B 88 2.15 10.49 11.31
N ASN B 89 1.10 10.69 12.06
CA ASN B 89 0.49 12.00 12.24
C ASN B 89 -0.39 11.81 13.47
N GLU B 90 0.28 11.58 14.57
CA GLU B 90 -0.37 11.21 15.80
C GLU B 90 -0.60 12.28 16.87
N ASN B 91 -1.78 12.19 17.48
CA ASN B 91 -2.04 12.98 18.68
C ASN B 91 -1.65 12.05 19.84
N PHE B 92 -1.75 12.53 21.08
CA PHE B 92 -1.36 11.76 22.25
C PHE B 92 -2.13 10.46 22.37
N GLN B 93 -3.43 10.47 22.06
CA GLN B 93 -4.21 9.27 22.16
C GLN B 93 -3.77 8.24 21.14
N GLN B 94 -3.47 8.69 19.94
CA GLN B 94 -2.99 7.78 18.91
C GLN B 94 -1.64 7.21 19.30
N LEU B 95 -0.77 8.01 19.92
CA LEU B 95 0.50 7.46 20.41
C LEU B 95 0.27 6.42 21.49
N LYS B 96 -0.68 6.68 22.39
CA LYS B 96 -1.01 5.70 23.41
C LYS B 96 -1.48 4.37 22.84
N VAL B 97 -2.32 4.42 21.82
CA VAL B 97 -2.76 3.20 21.14
C VAL B 97 -1.51 2.43 20.65
N ARG B 98 -0.56 3.14 20.05
CA ARG B 98 0.62 2.47 19.50
C ARG B 98 1.44 1.88 20.63
N VAL B 99 1.46 2.60 21.76
CA VAL B 99 2.21 2.10 22.92
C VAL B 99 1.52 0.86 23.48
N GLU B 100 0.19 0.88 23.58
CA GLU B 100 -0.54 -0.31 24.03
C GLU B 100 -0.29 -1.51 23.12
N HIS B 101 -0.31 -1.30 21.82
CA HIS B 101 0.04 -2.34 20.82
C HIS B 101 1.43 -2.92 21.08
N GLN B 102 2.40 -2.05 21.40
CA GLN B 102 3.74 -2.55 21.70
C GLN B 102 3.79 -3.43 22.96
N LEU B 103 3.00 -3.07 23.98
CA LEU B 103 3.06 -3.77 25.26
C LEU B 103 2.14 -4.95 25.41
N ASP B 104 1.24 -5.15 24.44
CA ASP B 104 0.25 -6.24 24.50
C ASP B 104 0.99 -7.58 24.47
N PRO B 105 0.64 -8.53 25.34
CA PRO B 105 1.37 -9.80 25.34
C PRO B 105 1.12 -10.67 24.13
N GLN B 106 0.15 -10.32 23.28
CA GLN B 106 -0.13 -11.08 22.07
C GLN B 106 0.44 -10.40 20.84
N ASN B 107 1.32 -9.43 21.05
CA ASN B 107 2.02 -8.84 19.92
C ASN B 107 3.14 -9.84 19.69
N TRP B 108 2.89 -10.78 18.80
CA TRP B 108 3.80 -11.88 18.58
C TRP B 108 5.14 -11.41 18.05
N GLY B 109 5.15 -10.28 17.34
CA GLY B 109 6.37 -9.79 16.68
C GLY B 109 7.39 -9.27 17.71
N ASN B 110 6.94 -9.09 18.93
CA ASN B 110 7.77 -8.62 20.03
C ASN B 110 8.44 -9.72 20.86
N SER B 111 8.36 -10.98 20.39
CA SER B 111 9.00 -12.11 21.08
C SER B 111 9.70 -12.91 20.04
N PRO B 112 11.01 -13.10 20.17
CA PRO B 112 11.84 -12.59 21.27
C PRO B 112 11.98 -11.07 21.25
N LYS B 113 12.45 -10.52 22.36
CA LYS B 113 12.52 -9.08 22.52
C LYS B 113 13.44 -8.42 21.47
N LEU B 114 12.95 -7.32 20.93
CA LEU B 114 13.70 -6.54 19.97
C LEU B 114 14.82 -5.78 20.67
N ARG B 115 15.80 -5.31 19.90
CA ARG B 115 16.89 -4.53 20.43
C ARG B 115 17.02 -3.24 19.65
N PHE B 116 16.90 -2.13 20.34
CA PHE B 116 17.06 -0.79 19.81
C PHE B 116 18.27 -0.04 20.34
N THR B 117 18.95 0.69 19.45
CA THR B 117 20.05 1.55 19.80
C THR B 117 19.90 2.85 18.99
N ARG B 118 19.77 3.96 19.67
CA ARG B 118 19.65 5.28 19.01
C ARG B 118 20.87 6.20 19.14
N PHE B 119 21.17 6.93 18.10
CA PHE B 119 22.33 7.79 18.11
C PHE B 119 21.81 9.18 17.69
N ILE B 120 21.86 10.12 18.62
CA ILE B 120 21.35 11.45 18.41
C ILE B 120 22.51 12.44 18.27
N THR B 121 22.51 13.23 17.20
CA THR B 121 23.60 14.13 16.94
C THR B 121 23.09 15.49 16.44
N ASN B 122 24.03 16.42 16.23
CA ASN B 122 23.70 17.72 15.62
C ASN B 122 22.58 18.51 16.30
N VAL B 123 22.57 18.51 17.62
CA VAL B 123 21.55 19.20 18.36
C VAL B 123 21.65 20.72 18.25
N GLN B 124 20.55 21.36 17.94
CA GLN B 124 20.48 22.83 17.93
C GLN B 124 19.24 23.19 18.70
N ALA B 125 19.28 24.33 19.41
CA ALA B 125 18.10 24.75 20.16
C ALA B 125 17.93 26.26 20.14
N ALA B 126 16.69 26.72 20.00
CA ALA B 126 16.38 28.15 20.06
C ALA B 126 14.96 28.36 20.55
N MET B 127 14.79 29.36 21.42
CA MET B 127 13.47 29.74 21.87
C MET B 127 12.67 30.37 20.75
N ASP B 128 11.38 30.13 20.75
CA ASP B 128 10.48 30.73 19.80
C ASP B 128 10.40 32.25 20.08
N VAL B 129 10.22 33.05 19.03
CA VAL B 129 10.17 34.50 19.18
C VAL B 129 8.86 35.04 19.75
N ASN B 130 7.76 34.32 19.54
CA ASN B 130 6.46 34.78 19.96
C ASN B 130 5.93 34.06 21.19
N ASP B 131 6.19 32.75 21.29
CA ASP B 131 5.82 31.98 22.47
C ASP B 131 7.11 31.70 23.24
N LYS B 132 7.25 32.37 24.37
CA LYS B 132 8.51 32.38 25.11
C LYS B 132 8.71 31.12 25.91
N GLU B 133 7.65 30.32 25.96
CA GLU B 133 7.63 29.04 26.63
C GLU B 133 7.93 27.90 25.61
N LEU B 134 8.04 28.23 24.34
CA LEU B 134 8.26 27.22 23.31
C LEU B 134 9.70 27.13 22.85
N LEU B 135 10.28 25.94 22.98
CA LEU B 135 11.64 25.71 22.56
C LEU B 135 11.73 24.90 21.25
N HIS B 136 12.40 25.44 20.25
CA HIS B 136 12.65 24.75 18.99
C HIS B 136 13.94 23.95 19.15
N ILE B 137 13.85 22.65 18.88
CA ILE B 137 15.03 21.76 18.93
C ILE B 137 15.11 20.98 17.62
N ARG B 138 16.30 21.00 17.05
CA ARG B 138 16.58 20.22 15.82
C ARG B 138 17.66 19.21 16.19
N SER B 139 17.52 17.99 15.69
CA SER B 139 18.52 16.92 15.92
C SER B 139 18.40 15.84 14.83
N ASN B 140 19.47 15.10 14.63
CA ASN B 140 19.49 14.06 13.67
C ASN B 140 19.58 12.74 14.43
N VAL B 141 18.93 11.69 13.90
CA VAL B 141 18.95 10.39 14.56
C VAL B 141 19.23 9.23 13.65
N ILE B 142 20.09 8.33 14.13
CA ILE B 142 20.36 7.06 13.47
C ILE B 142 19.71 6.07 14.47
N LEU B 143 18.83 5.20 13.99
CA LEU B 143 18.15 4.27 14.86
C LEU B 143 18.40 2.90 14.26
N HIS B 144 19.00 2.05 15.10
CA HIS B 144 19.31 0.70 14.80
C HIS B 144 18.38 -0.23 15.56
N ARG B 145 17.77 -1.11 14.75
CA ARG B 145 16.80 -2.08 15.22
C ARG B 145 17.30 -3.50 14.76
N ALA B 146 17.41 -4.41 15.73
CA ALA B 146 17.84 -5.80 15.49
C ALA B 146 16.87 -6.75 16.06
N ARG B 147 16.51 -7.79 15.31
CA ARG B 147 15.58 -8.78 15.85
C ARG B 147 15.77 -10.09 15.12
N ARG B 148 15.38 -11.16 15.82
CA ARG B 148 15.31 -12.50 15.26
C ARG B 148 16.54 -13.01 14.59
N GLY B 149 17.65 -12.74 15.25
CA GLY B 149 18.89 -13.30 14.81
C GLY B 149 19.63 -12.51 13.77
N ASN B 150 19.01 -12.30 12.61
CA ASN B 150 19.74 -11.69 11.53
C ASN B 150 19.02 -10.57 10.80
N GLN B 151 17.98 -10.00 11.43
CA GLN B 151 17.28 -8.87 10.83
C GLN B 151 17.89 -7.60 11.45
N VAL B 152 18.34 -6.70 10.61
CA VAL B 152 18.91 -5.47 11.10
C VAL B 152 18.40 -4.35 10.21
N ASP B 153 17.76 -3.36 10.81
CA ASP B 153 17.31 -2.22 10.03
C ASP B 153 17.87 -0.96 10.67
N VAL B 154 18.39 -0.06 9.84
CA VAL B 154 18.92 1.22 10.30
C VAL B 154 18.16 2.38 9.63
N PHE B 155 17.66 3.29 10.44
CA PHE B 155 16.89 4.45 10.03
C PHE B 155 17.70 5.72 10.25
N TYR B 156 17.54 6.69 9.35
CA TYR B 156 18.29 7.95 9.34
C TYR B 156 17.33 9.10 9.11
N ALA B 157 17.33 10.12 9.97
CA ALA B 157 16.40 11.25 9.83
C ALA B 157 16.81 12.49 10.61
N ALA B 158 16.33 13.64 10.16
CA ALA B 158 16.45 14.89 10.85
C ALA B 158 15.09 15.16 11.50
N ARG B 159 15.10 15.64 12.74
CA ARG B 159 13.88 15.88 13.48
C ARG B 159 13.73 17.36 13.81
N GLU B 160 12.60 17.96 13.42
CA GLU B 160 12.27 19.36 13.77
C GLU B 160 11.25 19.31 14.87
N ASP B 161 11.66 19.64 16.09
CA ASP B 161 10.80 19.49 17.25
C ASP B 161 10.43 20.82 17.87
N LYS B 162 9.30 20.81 18.57
CA LYS B 162 8.91 21.87 19.50
C LYS B 162 8.64 21.22 20.85
N TRP B 163 9.24 21.79 21.89
CA TRP B 163 9.11 21.25 23.21
C TRP B 163 8.62 22.41 24.13
N LYS B 164 7.81 22.11 25.10
CA LYS B 164 7.27 23.14 25.99
C LYS B 164 7.13 22.62 27.41
N ARG B 165 7.34 23.49 28.41
CA ARG B 165 7.19 23.06 29.80
C ARG B 165 5.73 22.87 30.09
N GLY B 166 5.42 21.76 30.73
CA GLY B 166 4.05 21.45 31.09
C GLY B 166 3.96 21.00 32.55
N GLU B 167 3.22 19.91 32.78
CA GLU B 167 2.98 19.34 34.10
C GLU B 167 4.27 19.24 34.93
N GLY B 168 4.31 19.92 36.08
CA GLY B 168 5.48 19.88 36.96
C GLY B 168 6.71 20.64 36.49
N GLY B 169 6.55 21.47 35.47
CA GLY B 169 7.68 22.20 34.93
C GLY B 169 8.58 21.40 33.96
N VAL B 170 8.23 20.13 33.69
CA VAL B 170 8.98 19.27 32.79
C VAL B 170 8.75 19.66 31.31
N ARG B 171 9.85 19.90 30.60
CA ARG B 171 9.80 20.21 29.17
C ARG B 171 9.36 18.93 28.41
N LYS B 172 8.28 19.04 27.64
CA LYS B 172 7.75 17.90 26.88
C LYS B 172 7.58 18.19 25.39
N LEU B 173 7.62 17.13 24.59
CA LEU B 173 7.48 17.26 23.14
C LEU B 173 6.07 17.68 22.76
N VAL B 174 5.93 18.78 22.04
CA VAL B 174 4.61 19.16 21.55
C VAL B 174 4.49 19.06 20.06
N GLN B 175 5.61 18.93 19.36
CA GLN B 175 5.54 18.69 17.92
C GLN B 175 6.84 18.06 17.50
N ARG B 176 6.74 17.01 16.71
CA ARG B 176 7.91 16.43 16.06
C ARG B 176 7.51 16.29 14.59
N PHE B 177 8.38 16.76 13.72
CA PHE B 177 8.20 16.69 12.30
C PHE B 177 9.44 16.09 11.66
N VAL B 178 9.24 15.02 10.87
CA VAL B 178 10.30 14.39 10.12
C VAL B 178 9.82 14.23 8.68
N ASP B 179 10.65 14.66 7.75
CA ASP B 179 10.44 14.44 6.36
C ASP B 179 11.41 13.28 6.01
N TYR B 180 10.87 12.07 5.96
CA TYR B 180 11.72 10.86 5.91
C TYR B 180 12.49 10.84 4.59
N PRO B 181 13.80 10.71 4.64
CA PRO B 181 14.60 10.85 3.42
C PRO B 181 14.51 9.75 2.40
N GLU B 182 14.19 8.52 2.76
CA GLU B 182 14.11 7.46 1.76
C GLU B 182 12.68 7.31 1.29
N ARG B 183 12.46 7.44 0.02
CA ARG B 183 11.09 7.29 -0.48
C ARG B 183 10.52 5.87 -0.38
N ILE B 184 11.29 4.88 -0.80
CA ILE B 184 10.87 3.51 -0.68
C ILE B 184 11.67 2.89 0.49
N LEU B 185 10.98 2.49 1.54
CA LEU B 185 11.67 2.01 2.73
C LEU B 185 12.21 0.64 2.44
N GLN B 186 13.44 0.42 2.86
CA GLN B 186 14.06 -0.90 2.71
C GLN B 186 14.33 -1.54 4.06
N THR B 187 13.44 -1.28 5.03
CA THR B 187 13.59 -1.71 6.40
C THR B 187 12.40 -2.54 6.90
N HIS B 188 11.63 -3.14 5.98
CA HIS B 188 10.45 -3.95 6.29
C HIS B 188 9.23 -3.06 6.68
N ASN B 189 9.49 -2.04 7.46
CA ASN B 189 8.43 -1.13 7.90
C ASN B 189 9.10 0.06 8.56
N LEU B 190 8.26 1.01 9.01
CA LEU B 190 8.78 2.16 9.73
C LEU B 190 8.19 2.17 11.12
N MET B 191 8.00 0.97 11.67
CA MET B 191 7.41 0.82 13.01
C MET B 191 8.36 1.12 14.15
N VAL B 192 8.91 2.32 14.18
CA VAL B 192 9.82 2.75 15.23
C VAL B 192 9.49 4.18 15.54
N PHE B 193 9.74 4.60 16.78
CA PHE B 193 9.56 6.00 17.14
C PHE B 193 10.88 6.72 16.87
N LEU B 194 10.86 7.50 15.80
CA LEU B 194 11.96 8.35 15.49
C LEU B 194 11.93 9.56 16.44
C1 EDO C . 5.38 -8.20 -16.98
O1 EDO C . 5.71 -7.66 -18.25
C2 EDO C . 6.63 -8.74 -16.31
O2 EDO C . 7.38 -7.71 -15.66
C1 EDO D . 4.39 -26.14 4.60
O1 EDO D . 5.59 -26.68 4.04
C2 EDO D . 3.24 -27.17 4.63
O2 EDO D . 3.60 -28.38 5.27
OH2 NDH E . -5.71 -7.90 8.08
C1 NDH E . -6.83 -7.74 7.14
C2 NDH E . -6.26 -8.32 5.81
OH1 NDH E . -4.92 -8.77 6.13
C3 NDH E . -7.14 -9.44 5.22
C4 NDH E . -8.41 -9.67 5.70
C4A NDH E . -9.10 -8.70 6.68
C8A NDH E . -8.35 -7.73 7.38
C8 NDH E . -8.94 -6.86 8.28
C5 NDH E . -10.49 -8.74 6.87
C6 NDH E . -11.08 -7.84 7.76
C7 NDH E . -10.32 -6.91 8.47
S SO4 F . 9.35 10.33 -39.68
O1 SO4 F . 10.64 10.41 -39.01
O2 SO4 F . 8.63 9.15 -39.18
O3 SO4 F . 8.57 11.53 -39.41
O4 SO4 F . 9.57 10.08 -41.12
FE1 FES G . 19.98 7.98 -26.23
FE2 FES G . 17.75 8.05 -24.71
S1 FES G . 18.46 9.57 -26.23
S2 FES G . 19.35 6.52 -24.56
FE FE H . -3.44 -9.43 8.42
C1 EDO I . 6.48 2.64 17.34
O1 EDO I . 6.06 2.39 16.00
C2 EDO I . 6.87 1.39 18.14
O2 EDO I . 8.17 0.93 17.85
C1 EDO J . -7.85 13.32 14.52
O1 EDO J . -6.96 12.29 14.08
C2 EDO J . -7.22 14.71 14.70
O2 EDO J . -6.17 14.80 15.65
C1 EDO K . 12.23 18.17 8.42
O1 EDO K . 13.43 18.48 7.77
C2 EDO K . 12.53 17.00 9.31
O2 EDO K . 13.08 15.97 8.53
C1 EDO L . -3.87 17.95 -11.02
O1 EDO L . -4.02 18.13 -12.41
C2 EDO L . -3.79 19.29 -10.31
O2 EDO L . -2.52 19.85 -10.53
S SO4 M . -0.21 19.63 8.61
O1 SO4 M . 0.45 18.58 7.82
O2 SO4 M . -0.72 19.08 9.87
O3 SO4 M . 0.73 20.71 8.89
O4 SO4 M . -1.34 20.22 7.84
S SO4 N . 1.34 17.88 29.91
O1 SO4 N . 2.42 17.60 30.85
O2 SO4 N . 0.67 16.61 29.73
O3 SO4 N . 0.44 18.90 30.44
O4 SO4 N . 1.82 18.44 28.66
#